data_3MN6
#
_entry.id   3MN6
#
_cell.length_a   125.300
_cell.length_b   55.950
_cell.length_c   125.370
_cell.angle_alpha   90.00
_cell.angle_beta   120.04
_cell.angle_gamma   90.00
#
_symmetry.space_group_name_H-M   'P 1 21 1'
#
loop_
_entity.id
_entity.type
_entity.pdbx_description
1 polymer Actin-5C
2 polymer 'Protein spire'
3 non-polymer 'CALCIUM ION'
4 non-polymer "ADENOSINE-5'-TRIPHOSPHATE"
5 water water
#
loop_
_entity_poly.entity_id
_entity_poly.type
_entity_poly.pdbx_seq_one_letter_code
_entity_poly.pdbx_strand_id
1 'polypeptide(L)'
;DEEVAALVVDNGSGMCKAGFAGDDAPRAVFPSIVGRPRHQGVMVGMGQKDSYVGDEAQSKRGILTLKYPIEHGIVTNWDD
MEKIWHHTFYNELRVAPEEHPVLLTEAPLNPKANREKMTQIMFETFNTPAMYVAIQAVLSLYASGRTTGIVLDSGDGVSH
TVPIYEGYALPHAILRLDLAGRDLTDYLMKILTERGYSFTTTEEREIVRDIKEKLCYVALDFEQEMATAASSSSLEKSYE
LKDGQVITIGNERFRCPEALFQPSFLGMEACGIHETTYNSIMKCDVDIRKDLYANTVLSGGTTMYPGIADRMQKEITALA
PSTMKIKIIAPPERKYSVWIGGSILASLSTFQQMWISKQEYDESGPSIVHRKCF
;
A,F,K
2 'polypeptide(L)'
;(UNK)(UNK)(UNK)(UNK)(UNK)(UNK)(UNK)(UNK)(UNK)(UNK)(UNK)(UNK)(UNK)(UNK)(UNK)(UNK)
(UNK)(UNK)(UNK)
;
X,Y,Z
#
loop_
_chem_comp.id
_chem_comp.type
_chem_comp.name
_chem_comp.formula
ATP non-polymer ADENOSINE-5'-TRIPHOSPHATE 'C10 H16 N5 O13 P3'
CA non-polymer 'CALCIUM ION' 'Ca 2'
#
# COMPACT_ATOMS: atom_id res chain seq x y z
N VAL A 4 -6.60 18.10 8.03
CA VAL A 4 -7.71 18.57 7.15
C VAL A 4 -7.35 18.47 5.65
N ALA A 5 -8.39 18.45 4.80
CA ALA A 5 -8.21 18.22 3.38
C ALA A 5 -7.90 19.51 2.59
N ALA A 6 -7.00 19.38 1.62
CA ALA A 6 -6.79 20.45 0.63
C ALA A 6 -7.95 20.50 -0.37
N LEU A 7 -8.11 21.63 -1.04
CA LEU A 7 -9.14 21.80 -2.06
C LEU A 7 -8.51 21.77 -3.45
N VAL A 8 -9.20 21.16 -4.40
CA VAL A 8 -8.75 21.09 -5.80
C VAL A 8 -9.72 21.88 -6.68
N VAL A 9 -9.20 22.90 -7.36
CA VAL A 9 -10.01 23.76 -8.25
C VAL A 9 -9.44 23.76 -9.67
N ASP A 10 -10.28 23.39 -10.64
CA ASP A 10 -9.90 23.34 -12.06
C ASP A 10 -10.86 24.26 -12.86
N ASN A 11 -10.37 25.43 -13.26
CA ASN A 11 -11.19 26.41 -14.01
C ASN A 11 -10.92 26.33 -15.52
N GLY A 12 -11.97 26.11 -16.32
CA GLY A 12 -11.84 26.09 -17.80
C GLY A 12 -12.66 27.15 -18.51
N SER A 13 -12.51 27.22 -19.84
CA SER A 13 -13.23 28.19 -20.70
C SER A 13 -14.74 28.02 -20.64
N GLY A 14 -15.17 26.77 -20.53
CA GLY A 14 -16.60 26.43 -20.50
C GLY A 14 -17.13 26.05 -19.12
N MET A 15 -16.43 25.12 -18.46
CA MET A 15 -16.87 24.57 -17.15
C MET A 15 -15.80 24.66 -16.05
N CYS A 16 -16.26 24.83 -14.81
CA CYS A 16 -15.41 24.79 -13.61
C CYS A 16 -15.67 23.54 -12.77
N LYS A 17 -14.61 22.87 -12.33
CA LYS A 17 -14.72 21.65 -11.52
C LYS A 17 -14.00 21.83 -10.17
N ALA A 18 -14.69 21.53 -9.07
CA ALA A 18 -14.11 21.71 -7.73
C ALA A 18 -14.52 20.64 -6.70
N GLY A 19 -13.62 20.38 -5.75
CA GLY A 19 -13.89 19.42 -4.67
C GLY A 19 -12.73 19.25 -3.70
N PHE A 20 -12.67 18.08 -3.06
CA PHE A 20 -11.70 17.78 -2.00
C PHE A 20 -10.64 16.78 -2.42
N ALA A 21 -9.38 17.11 -2.11
CA ALA A 21 -8.26 16.22 -2.37
C ALA A 21 -8.51 14.87 -1.70
N GLY A 22 -8.38 13.79 -2.47
CA GLY A 22 -8.66 12.45 -1.95
C GLY A 22 -9.94 11.79 -2.42
N ASP A 23 -10.94 12.59 -2.81
CA ASP A 23 -12.14 12.06 -3.45
C ASP A 23 -11.81 11.61 -4.89
N ASP A 24 -12.62 10.70 -5.42
CA ASP A 24 -12.39 10.18 -6.77
C ASP A 24 -13.12 10.97 -7.86
N ALA A 25 -13.87 11.99 -7.44
CA ALA A 25 -14.64 12.84 -8.35
C ALA A 25 -14.88 14.22 -7.72
N PRO A 26 -14.99 15.28 -8.56
CA PRO A 26 -15.34 16.61 -8.05
C PRO A 26 -16.77 16.63 -7.50
N ARG A 27 -17.02 17.49 -6.52
CA ARG A 27 -18.35 17.57 -5.89
C ARG A 27 -19.25 18.61 -6.54
N ALA A 28 -18.64 19.54 -7.26
CA ALA A 28 -19.38 20.61 -7.94
C ALA A 28 -18.78 20.87 -9.32
N VAL A 29 -19.67 20.89 -10.33
CA VAL A 29 -19.33 21.16 -11.73
C VAL A 29 -20.35 22.17 -12.26
N PHE A 30 -19.88 23.32 -12.75
CA PHE A 30 -20.77 24.43 -13.16
C PHE A 30 -20.15 25.33 -14.27
N PRO A 31 -21.00 26.05 -15.03
CA PRO A 31 -20.55 26.87 -16.15
C PRO A 31 -19.78 28.13 -15.73
N SER A 32 -18.68 28.39 -16.43
CA SER A 32 -17.78 29.51 -16.14
C SER A 32 -18.36 30.81 -16.68
N ILE A 33 -19.48 31.23 -16.10
CA ILE A 33 -20.22 32.40 -16.58
C ILE A 33 -20.49 33.35 -15.42
N VAL A 34 -20.30 34.64 -15.66
CA VAL A 34 -20.62 35.70 -14.68
C VAL A 34 -21.62 36.68 -15.29
N GLY A 35 -22.74 36.88 -14.58
CA GLY A 35 -23.84 37.70 -15.11
C GLY A 35 -24.09 38.96 -14.30
N ARG A 36 -24.49 40.03 -15.00
CA ARG A 36 -24.64 41.35 -14.40
C ARG A 36 -25.78 42.13 -15.08
N PRO A 37 -26.62 42.85 -14.28
CA PRO A 37 -27.74 43.66 -14.79
C PRO A 37 -27.37 44.52 -16.00
N ARG A 38 -28.25 44.54 -17.00
CA ARG A 38 -28.01 45.28 -18.24
C ARG A 38 -28.07 46.79 -18.02
N ASP A 50 -26.91 41.99 -7.89
CA ASP A 50 -25.84 42.76 -8.60
C ASP A 50 -24.92 41.89 -9.49
N SER A 51 -24.76 40.62 -9.12
CA SER A 51 -24.01 39.65 -9.93
C SER A 51 -24.39 38.21 -9.64
N TYR A 52 -24.45 37.40 -10.71
CA TYR A 52 -24.77 35.98 -10.62
C TYR A 52 -23.69 35.11 -11.25
N VAL A 53 -23.45 33.95 -10.66
CA VAL A 53 -22.41 33.01 -11.13
C VAL A 53 -22.98 31.62 -11.43
N GLY A 54 -22.53 31.03 -12.54
CA GLY A 54 -22.83 29.63 -12.86
C GLY A 54 -24.21 29.38 -13.42
N ASP A 55 -24.87 28.35 -12.88
CA ASP A 55 -26.18 27.90 -13.36
C ASP A 55 -27.27 28.96 -13.23
N GLU A 56 -27.28 29.67 -12.11
CA GLU A 56 -28.22 30.75 -11.85
C GLU A 56 -28.10 31.89 -12.88
N ALA A 57 -26.87 32.22 -13.24
CA ALA A 57 -26.59 33.26 -14.24
C ALA A 57 -27.17 32.92 -15.62
N GLN A 58 -27.02 31.65 -16.03
CA GLN A 58 -27.52 31.17 -17.32
C GLN A 58 -29.04 31.12 -17.39
N SER A 59 -29.69 30.64 -16.33
CA SER A 59 -31.15 30.59 -16.27
C SER A 59 -31.76 31.99 -16.27
N LYS A 60 -31.16 32.91 -15.51
CA LYS A 60 -31.63 34.29 -15.41
C LYS A 60 -31.05 35.19 -16.50
N ARG A 61 -30.52 34.59 -17.56
CA ARG A 61 -29.79 35.33 -18.62
C ARG A 61 -30.59 36.40 -19.35
N GLY A 62 -31.90 36.38 -19.17
CA GLY A 62 -32.78 37.33 -19.86
C GLY A 62 -32.66 38.76 -19.36
N ILE A 63 -32.42 38.91 -18.07
CA ILE A 63 -32.26 40.23 -17.45
C ILE A 63 -30.78 40.66 -17.34
N LEU A 64 -29.86 39.72 -17.62
CA LEU A 64 -28.43 39.92 -17.36
C LEU A 64 -27.57 40.13 -18.61
N THR A 65 -26.40 40.75 -18.41
CA THR A 65 -25.30 40.76 -19.37
C THR A 65 -24.30 39.71 -18.91
N LEU A 66 -23.95 38.79 -19.81
CA LEU A 66 -23.08 37.66 -19.46
C LEU A 66 -21.64 37.84 -19.93
N LYS A 67 -20.70 37.45 -19.06
CA LYS A 67 -19.27 37.44 -19.41
C LYS A 67 -18.64 36.08 -19.15
N TYR A 68 -17.61 35.77 -19.93
CA TYR A 68 -16.83 34.54 -19.81
C TYR A 68 -15.39 34.97 -19.54
N PRO A 69 -14.97 34.90 -18.26
CA PRO A 69 -13.66 35.42 -17.83
C PRO A 69 -12.47 34.65 -18.38
N ILE A 70 -12.69 33.42 -18.83
CA ILE A 70 -11.61 32.58 -19.36
C ILE A 70 -11.78 32.35 -20.86
N GLU A 71 -10.83 32.85 -21.66
CA GLU A 71 -10.85 32.73 -23.12
C GLU A 71 -9.69 31.87 -23.64
N HIS A 72 -10.01 30.80 -24.36
CA HIS A 72 -9.03 29.82 -24.84
C HIS A 72 -8.06 29.38 -23.73
N GLY A 73 -8.59 29.20 -22.51
CA GLY A 73 -7.82 28.73 -21.37
C GLY A 73 -7.12 29.79 -20.50
N ILE A 74 -7.06 31.02 -20.99
CA ILE A 74 -6.34 32.13 -20.33
C ILE A 74 -7.33 33.09 -19.65
N VAL A 75 -7.06 33.45 -18.40
CA VAL A 75 -7.89 34.42 -17.66
C VAL A 75 -7.70 35.81 -18.27
N THR A 76 -8.80 36.45 -18.68
CA THR A 76 -8.73 37.78 -19.30
C THR A 76 -9.42 38.91 -18.50
N ASN A 77 -10.24 38.54 -17.52
CA ASN A 77 -11.01 39.51 -16.72
C ASN A 77 -10.93 39.12 -15.24
N TRP A 78 -10.10 39.85 -14.48
CA TRP A 78 -9.75 39.43 -13.11
C TRP A 78 -10.81 39.74 -12.03
N ASP A 79 -11.55 40.83 -12.21
CA ASP A 79 -12.72 41.10 -11.37
C ASP A 79 -13.70 39.92 -11.36
N ASP A 80 -14.04 39.43 -12.55
CA ASP A 80 -15.01 38.35 -12.71
C ASP A 80 -14.48 36.98 -12.27
N MET A 81 -13.18 36.76 -12.47
CA MET A 81 -12.52 35.52 -12.03
C MET A 81 -12.57 35.39 -10.50
N GLU A 82 -12.44 36.52 -9.81
CA GLU A 82 -12.54 36.58 -8.35
C GLU A 82 -13.95 36.19 -7.89
N LYS A 83 -14.97 36.65 -8.60
CA LYS A 83 -16.37 36.32 -8.32
C LYS A 83 -16.65 34.82 -8.46
N ILE A 84 -16.04 34.17 -9.45
CA ILE A 84 -16.15 32.71 -9.61
C ILE A 84 -15.54 31.98 -8.42
N TRP A 85 -14.35 32.41 -7.99
CA TRP A 85 -13.67 31.83 -6.83
C TRP A 85 -14.47 31.99 -5.51
N HIS A 86 -15.05 33.16 -5.29
CA HIS A 86 -15.92 33.38 -4.12
C HIS A 86 -17.13 32.43 -4.13
N HIS A 87 -17.74 32.28 -5.30
CA HIS A 87 -18.85 31.35 -5.53
C HIS A 87 -18.43 29.90 -5.29
N THR A 88 -17.21 29.56 -5.73
CA THR A 88 -16.70 28.21 -5.58
C THR A 88 -16.53 27.84 -4.09
N PHE A 89 -15.98 28.76 -3.30
CA PHE A 89 -15.74 28.52 -1.87
C PHE A 89 -17.03 28.57 -1.03
N TYR A 90 -17.78 29.66 -1.15
CA TYR A 90 -18.89 29.95 -0.23
C TYR A 90 -20.22 29.28 -0.57
N ASN A 91 -20.51 29.15 -1.87
CA ASN A 91 -21.81 28.63 -2.33
C ASN A 91 -21.81 27.16 -2.75
N GLU A 92 -20.71 26.69 -3.33
CA GLU A 92 -20.68 25.35 -3.92
C GLU A 92 -20.09 24.30 -2.97
N LEU A 93 -18.92 24.59 -2.43
CA LEU A 93 -18.25 23.67 -1.51
C LEU A 93 -18.65 23.94 -0.07
N ARG A 94 -19.09 25.17 0.20
CA ARG A 94 -19.49 25.62 1.55
C ARG A 94 -18.34 25.46 2.56
N VAL A 95 -17.24 26.16 2.30
CA VAL A 95 -16.03 26.12 3.13
C VAL A 95 -15.45 27.52 3.36
N ALA A 96 -14.54 27.64 4.32
CA ALA A 96 -13.81 28.88 4.54
C ALA A 96 -12.40 28.77 3.97
N PRO A 97 -12.05 29.63 2.99
CA PRO A 97 -10.76 29.49 2.31
C PRO A 97 -9.58 29.50 3.26
N GLU A 98 -9.67 30.31 4.32
CA GLU A 98 -8.55 30.47 5.28
C GLU A 98 -8.21 29.19 6.07
N GLU A 99 -9.03 28.16 5.91
CA GLU A 99 -8.90 26.89 6.64
C GLU A 99 -8.22 25.77 5.86
N HIS A 100 -7.99 25.99 4.56
CA HIS A 100 -7.59 24.91 3.66
C HIS A 100 -6.47 25.34 2.70
N PRO A 101 -5.48 24.46 2.47
CA PRO A 101 -4.55 24.66 1.35
C PRO A 101 -5.32 24.46 0.05
N VAL A 102 -4.89 25.15 -1.02
CA VAL A 102 -5.66 25.17 -2.27
C VAL A 102 -4.79 24.95 -3.49
N LEU A 103 -5.03 23.85 -4.19
CA LEU A 103 -4.39 23.54 -5.47
C LEU A 103 -5.23 24.11 -6.62
N LEU A 104 -4.61 24.97 -7.44
CA LEU A 104 -5.26 25.55 -8.64
C LEU A 104 -4.60 25.01 -9.90
N THR A 105 -5.31 25.07 -11.02
CA THR A 105 -4.79 24.59 -12.31
C THR A 105 -4.61 25.75 -13.30
N GLU A 106 -3.68 25.60 -14.25
CA GLU A 106 -3.43 26.64 -15.26
C GLU A 106 -3.21 26.03 -16.64
N ALA A 107 -3.46 26.82 -17.68
CA ALA A 107 -3.19 26.42 -19.05
C ALA A 107 -1.68 26.25 -19.30
N PRO A 108 -1.31 25.37 -20.27
CA PRO A 108 0.08 25.36 -20.75
C PRO A 108 0.47 26.74 -21.29
N LEU A 109 1.74 27.12 -21.09
CA LEU A 109 2.28 28.42 -21.52
C LEU A 109 1.49 29.66 -21.02
N ASN A 110 0.93 29.55 -19.81
CA ASN A 110 0.28 30.68 -19.12
C ASN A 110 1.29 31.80 -18.89
N PRO A 111 0.98 33.03 -19.33
CA PRO A 111 1.94 34.13 -19.17
C PRO A 111 2.39 34.35 -17.73
N LYS A 112 3.66 34.68 -17.56
CA LYS A 112 4.30 34.88 -16.26
C LYS A 112 3.48 35.82 -15.35
N ALA A 113 3.02 36.94 -15.91
CA ALA A 113 2.22 37.91 -15.17
C ALA A 113 0.90 37.34 -14.62
N ASN A 114 0.29 36.41 -15.36
CA ASN A 114 -0.97 35.77 -14.95
C ASN A 114 -0.78 34.88 -13.71
N ARG A 115 0.31 34.12 -13.68
CA ARG A 115 0.65 33.25 -12.54
C ARG A 115 0.78 34.05 -11.24
N GLU A 116 1.43 35.21 -11.33
CA GLU A 116 1.65 36.09 -10.18
C GLU A 116 0.34 36.66 -9.61
N LYS A 117 -0.56 37.09 -10.49
CA LYS A 117 -1.83 37.69 -10.07
C LYS A 117 -2.74 36.66 -9.38
N MET A 118 -2.85 35.48 -9.99
CA MET A 118 -3.46 34.29 -9.39
C MET A 118 -3.01 34.09 -7.94
N THR A 119 -1.70 34.10 -7.73
CA THR A 119 -1.04 33.90 -6.43
C THR A 119 -1.39 35.01 -5.44
N GLN A 120 -1.38 36.24 -5.93
CA GLN A 120 -1.71 37.41 -5.13
C GLN A 120 -3.14 37.36 -4.58
N ILE A 121 -4.09 36.96 -5.44
CA ILE A 121 -5.51 36.94 -5.04
C ILE A 121 -5.82 35.88 -3.97
N MET A 122 -5.24 34.69 -4.10
CA MET A 122 -5.44 33.63 -3.12
C MET A 122 -4.99 34.04 -1.71
N PHE A 123 -3.80 34.61 -1.62
CA PHE A 123 -3.21 35.02 -0.33
C PHE A 123 -3.74 36.33 0.24
N GLU A 124 -3.92 37.34 -0.61
CA GLU A 124 -4.35 38.67 -0.12
C GLU A 124 -5.87 38.88 -0.05
N THR A 125 -6.62 38.20 -0.90
CA THR A 125 -8.09 38.32 -0.89
C THR A 125 -8.77 37.21 -0.08
N PHE A 126 -8.25 35.98 -0.18
CA PHE A 126 -8.91 34.85 0.46
C PHE A 126 -8.16 34.28 1.68
N ASN A 127 -6.94 34.77 1.89
CA ASN A 127 -6.11 34.42 3.06
C ASN A 127 -5.87 32.91 3.22
N THR A 128 -5.59 32.24 2.11
CA THR A 128 -5.33 30.81 2.14
C THR A 128 -4.00 30.57 2.88
N PRO A 129 -3.98 29.59 3.80
CA PRO A 129 -2.75 29.26 4.54
C PRO A 129 -1.65 28.72 3.62
N ALA A 130 -2.05 28.16 2.49
CA ALA A 130 -1.14 27.54 1.51
C ALA A 130 -1.80 27.46 0.12
N MET A 131 -0.97 27.44 -0.92
CA MET A 131 -1.44 27.20 -2.29
C MET A 131 -0.36 26.68 -3.20
N TYR A 132 -0.79 26.20 -4.37
CA TYR A 132 0.07 25.67 -5.40
C TYR A 132 -0.68 25.77 -6.73
N VAL A 133 0.05 25.85 -7.83
CA VAL A 133 -0.54 25.86 -9.16
C VAL A 133 0.18 24.86 -10.08
N ALA A 134 -0.59 23.99 -10.73
CA ALA A 134 -0.03 22.99 -11.65
C ALA A 134 -0.66 23.06 -13.06
N ILE A 135 0.11 22.60 -14.05
CA ILE A 135 -0.36 22.57 -15.44
C ILE A 135 -1.39 21.46 -15.67
N GLN A 136 -2.54 21.84 -16.24
CA GLN A 136 -3.66 20.95 -16.53
C GLN A 136 -3.27 19.62 -17.22
N ALA A 137 -2.50 19.71 -18.31
CA ALA A 137 -2.10 18.51 -19.06
C ALA A 137 -1.21 17.56 -18.25
N VAL A 138 -0.36 18.12 -17.40
CA VAL A 138 0.54 17.35 -16.52
C VAL A 138 -0.26 16.52 -15.50
N LEU A 139 -1.31 17.13 -14.93
CA LEU A 139 -2.18 16.44 -13.99
C LEU A 139 -2.89 15.24 -14.62
N SER A 140 -3.39 15.42 -15.84
CA SER A 140 -3.97 14.31 -16.62
C SER A 140 -3.00 13.15 -16.83
N LEU A 141 -1.75 13.46 -17.21
CA LEU A 141 -0.75 12.41 -17.37
C LEU A 141 -0.58 11.64 -16.05
N TYR A 142 -0.51 12.37 -14.93
CA TYR A 142 -0.34 11.78 -13.61
C TYR A 142 -1.47 10.82 -13.28
N ALA A 143 -2.70 11.21 -13.60
CA ALA A 143 -3.89 10.40 -13.33
C ALA A 143 -3.87 9.04 -14.05
N SER A 144 -3.11 8.95 -15.15
CA SER A 144 -2.95 7.69 -15.87
C SER A 144 -1.75 6.87 -15.37
N GLY A 145 -1.12 7.34 -14.30
CA GLY A 145 0.01 6.64 -13.68
C GLY A 145 1.32 6.74 -14.45
N ARG A 146 1.50 7.83 -15.18
CA ARG A 146 2.70 8.06 -15.98
C ARG A 146 3.34 9.40 -15.60
N THR A 147 4.65 9.50 -15.81
CA THR A 147 5.36 10.78 -15.66
C THR A 147 6.10 11.17 -16.95
N THR A 148 6.04 10.31 -17.95
CA THR A 148 6.54 10.61 -19.29
C THR A 148 5.52 10.24 -20.39
N GLY A 149 5.26 11.20 -21.29
CA GLY A 149 4.32 11.03 -22.41
C GLY A 149 3.91 12.35 -23.05
N ILE A 150 3.09 12.29 -24.11
CA ILE A 150 2.51 13.50 -24.73
C ILE A 150 0.98 13.48 -24.62
N VAL A 151 0.41 14.57 -24.12
CA VAL A 151 -1.03 14.69 -23.86
C VAL A 151 -1.72 15.59 -24.88
N LEU A 152 -2.82 15.12 -25.47
CA LEU A 152 -3.70 15.98 -26.26
C LEU A 152 -4.91 16.34 -25.40
N ASP A 153 -5.04 17.63 -25.05
CA ASP A 153 -6.13 18.13 -24.19
C ASP A 153 -7.05 19.04 -25.02
N SER A 154 -8.29 18.60 -25.25
CA SER A 154 -9.25 19.37 -26.02
C SER A 154 -10.51 19.57 -25.18
N GLY A 155 -10.83 20.84 -24.88
CA GLY A 155 -11.98 21.18 -24.04
C GLY A 155 -13.09 21.92 -24.77
N ASP A 156 -13.56 23.03 -24.18
CA ASP A 156 -14.62 23.87 -24.79
C ASP A 156 -14.07 24.98 -25.70
N GLY A 157 -12.89 25.51 -25.38
CA GLY A 157 -12.35 26.67 -26.11
C GLY A 157 -10.98 26.54 -26.76
N VAL A 158 -10.19 25.54 -26.34
CA VAL A 158 -8.82 25.36 -26.87
C VAL A 158 -8.37 23.89 -26.88
N SER A 159 -7.53 23.54 -27.84
CA SER A 159 -6.85 22.23 -27.88
C SER A 159 -5.34 22.44 -27.81
N HIS A 160 -4.66 21.72 -26.91
CA HIS A 160 -3.19 21.76 -26.76
C HIS A 160 -2.56 20.37 -26.96
N THR A 161 -1.33 20.33 -27.48
CA THR A 161 -0.48 19.12 -27.45
C THR A 161 0.77 19.41 -26.60
N VAL A 162 0.99 18.62 -25.55
CA VAL A 162 1.97 18.93 -24.49
C VAL A 162 2.94 17.75 -24.20
N PRO A 163 4.16 17.81 -24.75
CA PRO A 163 5.22 16.83 -24.40
C PRO A 163 5.75 17.01 -22.97
N ILE A 164 5.87 15.90 -22.24
CA ILE A 164 6.22 15.89 -20.82
C ILE A 164 7.28 14.81 -20.57
N TYR A 165 8.31 15.16 -19.79
CA TYR A 165 9.42 14.25 -19.51
C TYR A 165 9.82 14.30 -18.04
N GLU A 166 9.67 13.16 -17.34
CA GLU A 166 9.95 13.03 -15.90
C GLU A 166 9.25 14.13 -15.08
N GLY A 167 7.98 14.37 -15.40
CA GLY A 167 7.19 15.35 -14.66
C GLY A 167 7.26 16.78 -15.16
N TYR A 168 8.11 17.04 -16.16
CA TYR A 168 8.28 18.40 -16.69
C TYR A 168 7.75 18.59 -18.11
N ALA A 169 6.83 19.55 -18.29
CA ALA A 169 6.38 19.94 -19.63
C ALA A 169 7.50 20.66 -20.38
N LEU A 170 7.63 20.38 -21.67
CA LEU A 170 8.69 20.95 -22.52
C LEU A 170 8.13 22.10 -23.38
N PRO A 171 8.37 23.37 -22.94
CA PRO A 171 7.69 24.56 -23.48
C PRO A 171 7.96 24.86 -24.95
N HIS A 172 9.17 24.54 -25.40
CA HIS A 172 9.57 24.75 -26.80
C HIS A 172 8.79 23.88 -27.79
N ALA A 173 8.18 22.80 -27.28
CA ALA A 173 7.48 21.83 -28.13
C ALA A 173 5.95 21.81 -27.93
N ILE A 174 5.43 22.76 -27.17
CA ILE A 174 3.99 22.86 -26.95
C ILE A 174 3.33 23.59 -28.12
N LEU A 175 2.19 23.07 -28.60
CA LEU A 175 1.41 23.71 -29.68
C LEU A 175 -0.04 24.02 -29.26
N ARG A 176 -0.61 25.10 -29.79
CA ARG A 176 -1.97 25.57 -29.44
C ARG A 176 -2.86 25.65 -30.69
N LEU A 177 -4.07 25.08 -30.63
CA LEU A 177 -5.08 25.18 -31.71
C LEU A 177 -6.44 25.66 -31.16
N ASP A 178 -6.88 26.84 -31.61
CA ASP A 178 -8.15 27.42 -31.14
C ASP A 178 -9.36 26.83 -31.89
N LEU A 179 -9.55 25.52 -31.74
CA LEU A 179 -10.67 24.77 -32.29
C LEU A 179 -11.04 23.67 -31.32
N ALA A 180 -12.21 23.79 -30.71
CA ALA A 180 -12.68 22.83 -29.69
C ALA A 180 -14.23 22.73 -29.64
N GLY A 181 -14.77 22.33 -28.49
CA GLY A 181 -16.18 21.94 -28.36
C GLY A 181 -17.18 23.02 -28.74
N ARG A 182 -16.91 24.25 -28.32
CA ARG A 182 -17.75 25.41 -28.67
C ARG A 182 -17.88 25.59 -30.19
N ASP A 183 -16.77 25.44 -30.91
CA ASP A 183 -16.75 25.54 -32.38
C ASP A 183 -17.52 24.41 -33.07
N LEU A 184 -17.42 23.21 -32.53
CA LEU A 184 -18.15 22.07 -33.06
C LEU A 184 -19.68 22.20 -32.87
N THR A 185 -20.10 22.72 -31.72
CA THR A 185 -21.55 22.95 -31.46
C THR A 185 -22.14 23.92 -32.49
N ASP A 186 -21.43 25.03 -32.72
CA ASP A 186 -21.86 26.05 -33.69
C ASP A 186 -21.95 25.48 -35.11
N TYR A 187 -20.98 24.63 -35.46
CA TYR A 187 -20.92 24.01 -36.79
C TYR A 187 -22.07 23.03 -37.01
N LEU A 188 -22.41 22.27 -35.97
CA LEU A 188 -23.59 21.39 -36.03
C LEU A 188 -24.90 22.18 -36.21
N MET A 189 -25.04 23.33 -35.53
CA MET A 189 -26.22 24.21 -35.73
C MET A 189 -26.37 24.61 -37.20
N LYS A 190 -25.23 24.93 -37.83
CA LYS A 190 -25.18 25.38 -39.21
C LYS A 190 -25.60 24.30 -40.21
N ILE A 191 -25.04 23.09 -40.09
CA ILE A 191 -25.28 22.05 -41.09
C ILE A 191 -26.64 21.33 -40.92
N LEU A 192 -27.22 21.40 -39.73
CA LEU A 192 -28.57 20.89 -39.49
C LEU A 192 -29.64 21.76 -40.18
N THR A 193 -29.28 23.02 -40.42
CA THR A 193 -30.15 23.98 -41.09
C THR A 193 -30.22 23.62 -42.56
N GLU A 194 -29.07 23.27 -43.10
CA GLU A 194 -28.96 22.84 -44.50
C GLU A 194 -29.62 21.48 -44.71
N ARG A 195 -30.28 20.95 -43.68
CA ARG A 195 -31.18 19.78 -43.84
C ARG A 195 -32.66 20.17 -43.69
N GLY A 196 -32.92 21.43 -43.32
CA GLY A 196 -34.30 21.91 -43.14
C GLY A 196 -34.70 22.33 -41.73
N TYR A 197 -33.90 21.99 -40.73
CA TYR A 197 -34.19 22.38 -39.35
C TYR A 197 -33.71 23.82 -39.11
N SER A 198 -34.17 24.46 -38.04
CA SER A 198 -33.74 25.86 -37.76
C SER A 198 -33.32 26.12 -36.31
N PHE A 199 -32.09 25.75 -35.97
CA PHE A 199 -31.56 26.02 -34.64
C PHE A 199 -30.68 27.28 -34.73
N THR A 200 -31.12 28.36 -34.08
CA THR A 200 -30.43 29.67 -34.17
C THR A 200 -30.33 30.46 -32.84
N THR A 201 -31.28 30.26 -31.92
CA THR A 201 -31.31 31.02 -30.65
C THR A 201 -30.38 30.43 -29.58
N THR A 202 -30.17 31.19 -28.50
CA THR A 202 -29.27 30.77 -27.40
C THR A 202 -29.76 29.53 -26.66
N GLU A 203 -31.09 29.38 -26.52
CA GLU A 203 -31.65 28.17 -25.88
C GLU A 203 -31.59 26.95 -26.83
N GLU A 204 -31.68 27.21 -28.14
CA GLU A 204 -31.52 26.17 -29.18
C GLU A 204 -30.06 25.68 -29.26
N ARG A 205 -29.10 26.58 -29.05
CA ARG A 205 -27.68 26.22 -28.99
C ARG A 205 -27.42 25.13 -27.96
N GLU A 206 -28.11 25.23 -26.82
CA GLU A 206 -27.98 24.29 -25.71
C GLU A 206 -28.57 22.91 -26.01
N ILE A 207 -29.65 22.90 -26.81
CA ILE A 207 -30.26 21.67 -27.30
C ILE A 207 -29.30 20.94 -28.26
N VAL A 208 -28.70 21.69 -29.18
CA VAL A 208 -27.77 21.12 -30.17
C VAL A 208 -26.49 20.57 -29.51
N ARG A 209 -26.05 21.24 -28.44
CA ARG A 209 -24.94 20.76 -27.61
C ARG A 209 -25.24 19.36 -27.06
N ASP A 210 -26.46 19.16 -26.56
CA ASP A 210 -26.92 17.82 -26.15
C ASP A 210 -26.93 16.80 -27.31
N ILE A 211 -27.49 17.19 -28.46
CA ILE A 211 -27.49 16.33 -29.66
C ILE A 211 -26.08 15.87 -29.99
N LYS A 212 -25.15 16.83 -30.07
CA LYS A 212 -23.73 16.58 -30.31
C LYS A 212 -23.15 15.53 -29.35
N GLU A 213 -23.41 15.70 -28.06
CA GLU A 213 -22.84 14.83 -27.01
C GLU A 213 -23.44 13.41 -26.99
N LYS A 214 -24.68 13.26 -27.47
CA LYS A 214 -25.36 11.96 -27.44
C LYS A 214 -25.18 11.09 -28.69
N LEU A 215 -25.14 11.74 -29.86
CA LEU A 215 -25.21 11.05 -31.16
C LEU A 215 -23.97 11.10 -32.08
N CYS A 216 -23.10 12.11 -31.91
CA CYS A 216 -21.94 12.30 -32.80
C CYS A 216 -20.82 11.25 -32.59
N TYR A 217 -20.01 11.02 -33.61
CA TYR A 217 -18.88 10.07 -33.53
C TYR A 217 -17.83 10.38 -34.61
N VAL A 218 -16.61 9.87 -34.42
CA VAL A 218 -15.52 10.03 -35.40
C VAL A 218 -15.43 8.80 -36.31
N ALA A 219 -15.52 9.03 -37.62
CA ALA A 219 -15.36 8.00 -38.63
C ALA A 219 -13.90 7.57 -38.79
N LEU A 220 -13.68 6.27 -39.06
CA LEU A 220 -12.33 5.74 -39.29
C LEU A 220 -11.73 6.17 -40.65
N ASP A 221 -12.57 6.14 -41.69
CA ASP A 221 -12.24 6.63 -43.04
C ASP A 221 -13.39 7.54 -43.47
N PHE A 222 -13.13 8.85 -43.55
CA PHE A 222 -14.18 9.83 -43.80
C PHE A 222 -14.90 9.65 -45.15
N GLU A 223 -14.12 9.47 -46.22
CA GLU A 223 -14.66 9.34 -47.57
C GLU A 223 -15.59 8.13 -47.70
N GLN A 224 -15.18 7.01 -47.13
CA GLN A 224 -15.98 5.79 -47.17
C GLN A 224 -17.27 5.90 -46.34
N GLU A 225 -17.19 6.61 -45.22
CA GLU A 225 -18.36 6.82 -44.37
C GLU A 225 -19.39 7.71 -45.08
N MET A 226 -18.91 8.73 -45.79
CA MET A 226 -19.77 9.58 -46.62
C MET A 226 -20.53 8.75 -47.68
N ALA A 227 -19.85 7.79 -48.31
CA ALA A 227 -20.46 6.90 -49.32
C ALA A 227 -21.51 5.92 -48.73
N THR A 228 -21.22 5.40 -47.53
CA THR A 228 -22.16 4.55 -46.80
C THR A 228 -23.48 5.31 -46.49
N ALA A 229 -23.36 6.55 -46.04
CA ALA A 229 -24.51 7.37 -45.69
C ALA A 229 -25.35 7.77 -46.91
N ALA A 230 -24.72 7.91 -48.07
CA ALA A 230 -25.40 8.30 -49.32
C ALA A 230 -26.15 7.15 -50.04
N SER A 231 -25.83 5.90 -49.66
CA SER A 231 -26.43 4.73 -50.31
C SER A 231 -27.52 4.01 -49.50
N SER A 232 -27.63 4.31 -48.20
CA SER A 232 -28.69 3.75 -47.33
C SER A 232 -28.88 4.55 -46.05
N SER A 233 -29.88 4.20 -45.25
CA SER A 233 -30.15 4.90 -43.99
C SER A 233 -29.57 4.17 -42.76
N SER A 234 -28.58 3.31 -42.97
CA SER A 234 -28.03 2.46 -41.90
C SER A 234 -27.36 3.23 -40.75
N LEU A 235 -26.93 4.47 -41.01
CA LEU A 235 -26.24 5.29 -40.00
C LEU A 235 -27.12 6.33 -39.30
N GLU A 236 -28.39 6.43 -39.70
CA GLU A 236 -29.31 7.43 -39.15
C GLU A 236 -29.70 7.14 -37.69
N LYS A 237 -29.88 8.21 -36.90
CA LYS A 237 -30.38 8.11 -35.51
C LYS A 237 -31.42 9.21 -35.25
N SER A 238 -32.37 8.95 -34.34
CA SER A 238 -33.43 9.90 -33.97
C SER A 238 -33.21 10.55 -32.59
N TYR A 239 -33.83 11.71 -32.40
CA TYR A 239 -33.70 12.50 -31.18
C TYR A 239 -35.03 13.23 -30.91
N GLU A 240 -35.54 13.08 -29.69
CA GLU A 240 -36.82 13.67 -29.30
C GLU A 240 -36.63 14.98 -28.55
N LEU A 241 -37.25 16.04 -29.07
CA LEU A 241 -37.23 17.37 -28.47
C LEU A 241 -38.23 17.46 -27.30
N LYS A 242 -38.10 18.52 -26.48
CA LYS A 242 -38.93 18.69 -25.27
C LYS A 242 -40.45 18.64 -25.52
N ASP A 243 -40.87 19.19 -26.66
CA ASP A 243 -42.30 19.27 -27.00
C ASP A 243 -42.81 18.06 -27.76
N GLY A 244 -41.94 17.07 -27.97
CA GLY A 244 -42.35 15.80 -28.57
C GLY A 244 -42.06 15.62 -30.05
N GLN A 245 -41.53 16.65 -30.71
CA GLN A 245 -41.09 16.52 -32.10
C GLN A 245 -39.85 15.62 -32.19
N VAL A 246 -39.85 14.70 -33.15
CA VAL A 246 -38.70 13.81 -33.38
C VAL A 246 -37.96 14.24 -34.64
N ILE A 247 -36.65 14.47 -34.51
CA ILE A 247 -35.82 14.79 -35.68
C ILE A 247 -34.85 13.65 -36.02
N THR A 248 -34.31 13.67 -37.24
CA THR A 248 -33.41 12.63 -37.72
C THR A 248 -32.09 13.21 -38.24
N ILE A 249 -31.00 12.54 -37.89
CA ILE A 249 -29.63 13.00 -38.18
C ILE A 249 -28.87 11.86 -38.88
N GLY A 250 -28.17 12.19 -39.97
CA GLY A 250 -27.45 11.20 -40.77
C GLY A 250 -25.94 11.43 -40.81
N ASN A 251 -25.43 11.92 -41.94
CA ASN A 251 -23.98 12.19 -42.06
C ASN A 251 -23.48 13.32 -41.14
N GLU A 252 -24.40 14.18 -40.68
CA GLU A 252 -24.09 15.19 -39.66
C GLU A 252 -23.44 14.60 -38.39
N ARG A 253 -23.76 13.34 -38.07
CA ARG A 253 -23.20 12.65 -36.90
C ARG A 253 -21.66 12.63 -36.90
N PHE A 254 -21.06 12.41 -38.08
CA PHE A 254 -19.58 12.33 -38.16
C PHE A 254 -18.91 13.53 -38.86
N ARG A 255 -19.68 14.30 -39.63
CA ARG A 255 -19.17 15.52 -40.27
C ARG A 255 -18.79 16.58 -39.23
N CYS A 256 -19.57 16.66 -38.15
CA CYS A 256 -19.32 17.61 -37.05
C CYS A 256 -17.93 17.44 -36.40
N PRO A 257 -17.63 16.26 -35.80
CA PRO A 257 -16.27 16.08 -35.24
C PRO A 257 -15.13 15.93 -36.26
N GLU A 258 -15.47 15.72 -37.52
CA GLU A 258 -14.45 15.68 -38.58
C GLU A 258 -13.65 17.01 -38.68
N ALA A 259 -14.26 18.12 -38.26
CA ALA A 259 -13.55 19.42 -38.23
C ALA A 259 -12.26 19.44 -37.35
N LEU A 260 -12.16 18.55 -36.36
CA LEU A 260 -10.92 18.40 -35.56
C LEU A 260 -9.76 17.90 -36.40
N PHE A 261 -10.08 17.09 -37.41
CA PHE A 261 -9.08 16.54 -38.33
C PHE A 261 -8.91 17.37 -39.59
N GLN A 262 -9.94 18.14 -39.96
CA GLN A 262 -9.81 19.08 -41.08
C GLN A 262 -10.36 20.48 -40.78
N PRO A 263 -9.50 21.37 -40.26
CA PRO A 263 -9.91 22.73 -39.91
C PRO A 263 -10.45 23.58 -41.08
N SER A 264 -10.18 23.13 -42.31
CA SER A 264 -10.78 23.68 -43.54
C SER A 264 -12.30 23.79 -43.48
N PHE A 265 -12.94 22.83 -42.82
CA PHE A 265 -14.40 22.81 -42.67
C PHE A 265 -14.95 24.08 -42.06
N LEU A 266 -14.14 24.71 -41.22
CA LEU A 266 -14.52 25.93 -40.50
C LEU A 266 -13.84 27.20 -41.06
N GLY A 267 -13.18 27.06 -42.21
CA GLY A 267 -12.45 28.16 -42.84
C GLY A 267 -11.07 28.47 -42.28
N MET A 268 -10.49 27.53 -41.51
CA MET A 268 -9.16 27.72 -40.91
C MET A 268 -8.05 27.10 -41.75
N GLU A 269 -6.93 27.82 -41.87
CA GLU A 269 -5.71 27.29 -42.50
C GLU A 269 -4.81 26.72 -41.40
N ALA A 270 -5.09 25.50 -40.97
CA ALA A 270 -4.41 24.90 -39.83
C ALA A 270 -4.34 23.38 -39.98
N CYS A 271 -3.33 22.78 -39.34
CA CYS A 271 -3.17 21.33 -39.24
C CYS A 271 -4.20 20.79 -38.25
N GLY A 272 -4.73 19.60 -38.52
CA GLY A 272 -5.63 18.89 -37.59
C GLY A 272 -4.95 18.32 -36.35
N ILE A 273 -5.74 17.83 -35.39
CA ILE A 273 -5.20 17.32 -34.11
C ILE A 273 -4.17 16.17 -34.24
N HIS A 274 -4.32 15.33 -35.27
CA HIS A 274 -3.35 14.27 -35.58
C HIS A 274 -1.97 14.82 -36.02
N GLU A 275 -1.99 15.79 -36.93
CA GLU A 275 -0.76 16.42 -37.44
C GLU A 275 -0.06 17.29 -36.41
N THR A 276 -0.87 17.96 -35.57
CA THR A 276 -0.37 18.78 -34.45
C THR A 276 0.38 17.92 -33.42
N THR A 277 -0.17 16.74 -33.11
CA THR A 277 0.50 15.80 -32.18
C THR A 277 1.87 15.35 -32.72
N TYR A 278 1.93 14.94 -34.00
CA TYR A 278 3.18 14.56 -34.68
C TYR A 278 4.20 15.71 -34.71
N ASN A 279 3.74 16.91 -35.07
CA ASN A 279 4.60 18.10 -35.08
C ASN A 279 5.28 18.45 -33.73
N SER A 280 4.55 18.30 -32.63
CA SER A 280 5.11 18.48 -31.28
C SER A 280 6.21 17.45 -30.97
N ILE A 281 5.96 16.18 -31.30
CA ILE A 281 6.95 15.11 -31.07
C ILE A 281 8.24 15.36 -31.85
N MET A 282 8.10 15.83 -33.09
CA MET A 282 9.25 16.13 -33.94
C MET A 282 10.09 17.32 -33.46
N LYS A 283 9.53 18.14 -32.58
CA LYS A 283 10.25 19.26 -31.95
C LYS A 283 11.10 18.82 -30.75
N CYS A 284 10.92 17.58 -30.30
CA CYS A 284 11.61 17.06 -29.12
C CYS A 284 12.90 16.32 -29.50
N ASP A 285 13.82 16.22 -28.53
CA ASP A 285 15.08 15.47 -28.69
C ASP A 285 14.84 14.09 -29.29
N VAL A 286 15.60 13.77 -30.34
CA VAL A 286 15.50 12.47 -31.03
C VAL A 286 15.47 11.27 -30.07
N ASP A 287 16.23 11.38 -28.98
CA ASP A 287 16.40 10.26 -28.04
C ASP A 287 15.17 9.95 -27.18
N ILE A 288 14.18 10.85 -27.18
CA ILE A 288 12.97 10.64 -26.36
C ILE A 288 11.68 10.41 -27.18
N ARG A 289 11.76 10.60 -28.50
CA ARG A 289 10.58 10.51 -29.37
C ARG A 289 9.82 9.17 -29.24
N LYS A 290 10.56 8.05 -29.20
CA LYS A 290 9.96 6.71 -29.05
C LYS A 290 9.14 6.51 -27.76
N ASP A 291 9.57 7.14 -26.66
CA ASP A 291 8.79 7.14 -25.43
C ASP A 291 7.45 7.87 -25.63
N LEU A 292 7.45 8.88 -26.49
CA LEU A 292 6.26 9.73 -26.65
C LEU A 292 5.26 9.04 -27.57
N TYR A 293 5.75 8.51 -28.68
CA TYR A 293 4.95 7.70 -29.62
C TYR A 293 4.23 6.54 -28.95
N ALA A 294 4.87 5.93 -27.95
CA ALA A 294 4.28 4.80 -27.25
C ALA A 294 3.43 5.20 -26.03
N ASN A 295 3.38 6.50 -25.72
CA ASN A 295 2.61 7.02 -24.59
C ASN A 295 1.80 8.29 -24.90
N THR A 296 1.00 8.26 -25.96
CA THR A 296 0.12 9.40 -26.32
C THR A 296 -1.25 9.30 -25.61
N VAL A 297 -1.53 10.25 -24.71
CA VAL A 297 -2.73 10.19 -23.84
C VAL A 297 -3.79 11.25 -24.23
N LEU A 298 -5.06 10.86 -24.28
CA LEU A 298 -6.15 11.80 -24.61
C LEU A 298 -6.86 12.30 -23.35
N SER A 299 -7.16 13.61 -23.28
CA SER A 299 -7.90 14.21 -22.16
C SER A 299 -8.85 15.35 -22.58
N GLY A 300 -9.89 15.59 -21.79
CA GLY A 300 -10.83 16.69 -22.03
C GLY A 300 -12.18 16.22 -22.57
N GLY A 301 -13.23 16.98 -22.31
CA GLY A 301 -14.56 16.67 -22.81
C GLY A 301 -14.64 16.40 -24.31
N THR A 302 -13.89 17.17 -25.10
CA THR A 302 -13.96 17.03 -26.56
C THR A 302 -13.26 15.78 -27.14
N THR A 303 -12.57 15.02 -26.28
CA THR A 303 -12.00 13.73 -26.71
C THR A 303 -12.92 12.54 -26.40
N MET A 304 -14.16 12.80 -26.00
CA MET A 304 -15.11 11.74 -25.63
C MET A 304 -15.79 10.99 -26.77
N TYR A 305 -15.69 11.51 -28.01
CA TYR A 305 -16.36 10.89 -29.18
C TYR A 305 -16.00 9.42 -29.37
N PRO A 306 -17.01 8.54 -29.59
CA PRO A 306 -16.67 7.16 -29.97
C PRO A 306 -15.88 7.16 -31.28
N GLY A 307 -14.88 6.29 -31.38
CA GLY A 307 -14.07 6.17 -32.59
C GLY A 307 -12.83 7.04 -32.65
N ILE A 308 -12.69 7.99 -31.73
CA ILE A 308 -11.57 8.95 -31.78
C ILE A 308 -10.16 8.31 -31.60
N ALA A 309 -10.03 7.32 -30.71
CA ALA A 309 -8.72 6.64 -30.50
C ALA A 309 -8.22 5.82 -31.69
N ASP A 310 -9.13 5.07 -32.33
CA ASP A 310 -8.79 4.30 -33.52
C ASP A 310 -8.36 5.20 -34.70
N ARG A 311 -9.07 6.31 -34.89
CA ARG A 311 -8.71 7.29 -35.94
C ARG A 311 -7.34 7.95 -35.67
N MET A 312 -7.07 8.32 -34.41
CA MET A 312 -5.76 8.89 -34.03
C MET A 312 -4.63 7.87 -34.32
N GLN A 313 -4.84 6.62 -33.92
CA GLN A 313 -3.91 5.51 -34.19
C GLN A 313 -3.60 5.36 -35.69
N LYS A 314 -4.65 5.35 -36.50
CA LYS A 314 -4.52 5.25 -37.96
C LYS A 314 -3.71 6.40 -38.58
N GLU A 315 -4.03 7.64 -38.17
CA GLU A 315 -3.38 8.82 -38.75
C GLU A 315 -1.92 9.02 -38.33
N ILE A 316 -1.61 8.78 -37.05
CA ILE A 316 -0.23 8.93 -36.57
C ILE A 316 0.67 7.89 -37.26
N THR A 317 0.17 6.65 -37.35
CA THR A 317 0.86 5.56 -38.08
C THR A 317 1.29 5.96 -39.51
N ALA A 318 0.40 6.63 -40.24
CA ALA A 318 0.73 7.08 -41.60
C ALA A 318 1.79 8.20 -41.68
N LEU A 319 1.95 8.97 -40.61
CA LEU A 319 2.94 10.06 -40.52
C LEU A 319 4.32 9.63 -39.98
N ALA A 320 4.31 8.65 -39.06
CA ALA A 320 5.51 8.19 -38.36
C ALA A 320 6.36 7.20 -39.20
N PRO A 321 7.62 6.97 -38.80
CA PRO A 321 8.43 5.94 -39.49
C PRO A 321 7.79 4.54 -39.38
N SER A 322 7.85 3.78 -40.47
CA SER A 322 7.20 2.47 -40.57
C SER A 322 7.53 1.45 -39.46
N THR A 323 8.69 1.58 -38.84
CA THR A 323 9.11 0.66 -37.76
C THR A 323 8.65 1.11 -36.37
N MET A 324 7.99 2.27 -36.30
CA MET A 324 7.63 2.88 -35.02
C MET A 324 6.43 2.23 -34.33
N LYS A 325 6.52 2.13 -33.00
CA LYS A 325 5.47 1.59 -32.15
C LYS A 325 4.53 2.69 -31.64
N ILE A 326 3.27 2.67 -32.09
CA ILE A 326 2.28 3.72 -31.78
C ILE A 326 1.25 3.20 -30.78
N LYS A 327 1.03 3.95 -29.69
CA LYS A 327 -0.02 3.62 -28.73
C LYS A 327 -0.81 4.84 -28.25
N ILE A 328 -2.11 4.83 -28.53
CA ILE A 328 -3.03 5.88 -28.06
C ILE A 328 -3.76 5.38 -26.82
N ILE A 329 -3.70 6.15 -25.73
CA ILE A 329 -4.40 5.80 -24.50
C ILE A 329 -5.58 6.74 -24.30
N ALA A 330 -6.78 6.16 -24.16
CA ALA A 330 -8.00 6.96 -23.93
C ALA A 330 -8.75 6.47 -22.69
N PRO A 331 -8.39 7.00 -21.51
CA PRO A 331 -9.01 6.60 -20.24
C PRO A 331 -10.51 6.89 -20.19
N PRO A 332 -11.28 5.99 -19.55
CA PRO A 332 -12.73 6.12 -19.47
C PRO A 332 -13.20 7.40 -18.76
N GLU A 333 -12.44 7.86 -17.78
CA GLU A 333 -12.83 9.05 -17.02
C GLU A 333 -12.18 10.36 -17.52
N ARG A 334 -11.73 10.38 -18.78
CA ARG A 334 -10.94 11.51 -19.31
C ARG A 334 -11.64 12.88 -19.33
N LYS A 335 -12.96 12.88 -19.13
CA LYS A 335 -13.71 14.14 -19.02
C LYS A 335 -13.33 14.94 -17.75
N TYR A 336 -12.82 14.24 -16.74
CA TYR A 336 -12.41 14.84 -15.46
C TYR A 336 -10.98 14.46 -15.01
N SER A 337 -10.14 14.00 -15.94
CA SER A 337 -8.80 13.52 -15.58
C SER A 337 -7.83 14.62 -15.11
N VAL A 338 -8.10 15.89 -15.48
CA VAL A 338 -7.34 17.02 -14.92
C VAL A 338 -7.62 17.15 -13.42
N TRP A 339 -8.89 17.24 -13.04
CA TRP A 339 -9.29 17.30 -11.64
C TRP A 339 -8.79 16.10 -10.81
N ILE A 340 -8.92 14.89 -11.34
CA ILE A 340 -8.49 13.67 -10.63
C ILE A 340 -6.97 13.63 -10.39
N GLY A 341 -6.21 14.10 -11.39
CA GLY A 341 -4.75 14.25 -11.25
C GLY A 341 -4.34 15.19 -10.12
N GLY A 342 -5.07 16.30 -9.98
CA GLY A 342 -4.84 17.25 -8.90
C GLY A 342 -5.13 16.65 -7.53
N SER A 343 -6.28 15.98 -7.44
CA SER A 343 -6.71 15.28 -6.23
C SER A 343 -5.71 14.23 -5.75
N ILE A 344 -5.15 13.46 -6.68
CA ILE A 344 -4.07 12.53 -6.39
C ILE A 344 -2.84 13.25 -5.82
N LEU A 345 -2.39 14.30 -6.51
CA LEU A 345 -1.19 15.05 -6.12
C LEU A 345 -1.30 15.71 -4.74
N ALA A 346 -2.38 16.45 -4.51
CA ALA A 346 -2.58 17.17 -3.26
C ALA A 346 -2.82 16.22 -2.08
N SER A 347 -2.98 14.92 -2.39
CA SER A 347 -3.23 13.88 -1.39
C SER A 347 -1.97 13.17 -0.92
N LEU A 348 -0.91 13.19 -1.75
CA LEU A 348 0.32 12.48 -1.43
C LEU A 348 1.04 13.14 -0.25
N SER A 349 1.31 12.36 0.80
CA SER A 349 1.97 12.88 2.00
C SER A 349 3.37 13.42 1.67
N THR A 350 3.97 12.89 0.62
CA THR A 350 5.25 13.39 0.13
C THR A 350 5.14 14.67 -0.72
N PHE A 351 3.94 15.24 -0.81
CA PHE A 351 3.72 16.52 -1.49
C PHE A 351 3.59 17.69 -0.48
N GLN A 352 3.40 17.35 0.79
CA GLN A 352 3.02 18.34 1.80
C GLN A 352 4.04 19.45 2.07
N GLN A 353 5.30 19.21 1.73
CA GLN A 353 6.36 20.22 1.86
C GLN A 353 6.64 20.96 0.55
N MET A 354 5.74 20.78 -0.43
CA MET A 354 5.83 21.45 -1.72
C MET A 354 4.98 22.73 -1.76
N TRP A 355 3.98 22.82 -0.88
CA TRP A 355 3.08 23.98 -0.85
C TRP A 355 3.86 25.31 -0.68
N ILE A 356 3.28 26.40 -1.19
CA ILE A 356 3.71 27.75 -0.82
C ILE A 356 2.94 28.18 0.42
N SER A 357 3.64 28.46 1.51
CA SER A 357 3.01 28.93 2.74
C SER A 357 2.80 30.44 2.68
N LYS A 358 1.86 30.93 3.48
CA LYS A 358 1.60 32.35 3.61
C LYS A 358 2.79 33.16 4.19
N GLN A 359 3.56 32.55 5.10
CA GLN A 359 4.78 33.19 5.63
C GLN A 359 5.78 33.43 4.51
N GLU A 360 5.96 32.43 3.65
CA GLU A 360 6.81 32.56 2.46
C GLU A 360 6.31 33.68 1.54
N TYR A 361 5.00 33.73 1.32
CA TYR A 361 4.40 34.81 0.53
C TYR A 361 4.70 36.18 1.16
N ASP A 362 4.39 36.31 2.45
CA ASP A 362 4.61 37.56 3.19
C ASP A 362 6.03 38.11 3.01
N GLU A 363 6.99 37.21 2.93
CA GLU A 363 8.40 37.58 2.76
C GLU A 363 8.84 37.86 1.32
N SER A 364 8.35 37.07 0.37
CA SER A 364 8.84 37.15 -1.02
C SER A 364 7.90 37.83 -2.02
N GLY A 365 6.60 37.83 -1.76
CA GLY A 365 5.63 38.39 -2.69
C GLY A 365 5.26 37.44 -3.83
N PRO A 366 4.44 37.90 -4.79
CA PRO A 366 3.84 37.04 -5.82
C PRO A 366 4.81 36.30 -6.75
N SER A 367 6.01 36.86 -6.95
CA SER A 367 7.00 36.23 -7.84
C SER A 367 7.70 34.99 -7.25
N ILE A 368 7.37 34.63 -6.02
CA ILE A 368 7.84 33.36 -5.43
C ILE A 368 7.33 32.14 -6.23
N VAL A 369 6.23 32.32 -6.95
CA VAL A 369 5.58 31.24 -7.72
C VAL A 369 6.46 30.62 -8.82
N HIS A 370 7.38 31.40 -9.40
CA HIS A 370 8.21 30.89 -10.50
C HIS A 370 9.25 29.86 -10.04
N ARG A 371 9.70 29.96 -8.79
CA ARG A 371 10.70 29.03 -8.25
C ARG A 371 10.09 27.92 -7.39
N LYS A 372 8.85 28.11 -6.94
CA LYS A 372 8.16 27.09 -6.15
C LYS A 372 7.32 26.14 -7.03
N CYS A 373 6.64 26.71 -8.02
CA CYS A 373 5.82 25.92 -8.95
C CYS A 373 6.44 25.97 -10.35
N PHE A 374 7.35 25.03 -10.58
CA PHE A 374 8.30 25.07 -11.68
C PHE A 374 7.91 24.09 -12.79
N VAL B 4 4.93 -1.77 -15.47
CA VAL B 4 3.55 -1.72 -14.88
C VAL B 4 3.20 -2.99 -14.09
N ALA B 5 2.08 -2.96 -13.37
CA ALA B 5 1.68 -4.05 -12.50
C ALA B 5 0.86 -5.11 -13.23
N ALA B 6 1.17 -6.38 -12.95
CA ALA B 6 0.29 -7.48 -13.36
C ALA B 6 -1.00 -7.47 -12.54
N LEU B 7 -2.05 -8.08 -13.06
CA LEU B 7 -3.33 -8.20 -12.35
C LEU B 7 -3.51 -9.63 -11.85
N VAL B 8 -4.10 -9.78 -10.67
CA VAL B 8 -4.36 -11.11 -10.08
C VAL B 8 -5.87 -11.30 -9.88
N VAL B 9 -6.43 -12.32 -10.55
CA VAL B 9 -7.87 -12.63 -10.49
C VAL B 9 -8.11 -14.06 -9.99
N ASP B 10 -8.90 -14.19 -8.92
CA ASP B 10 -9.22 -15.49 -8.32
C ASP B 10 -10.74 -15.66 -8.25
N ASN B 11 -11.29 -16.46 -9.16
CA ASN B 11 -12.74 -16.69 -9.26
C ASN B 11 -13.18 -17.97 -8.53
N GLY B 12 -14.13 -17.85 -7.60
CA GLY B 12 -14.65 -19.02 -6.86
C GLY B 12 -16.15 -19.26 -7.06
N SER B 13 -16.67 -20.33 -6.46
CA SER B 13 -18.10 -20.70 -6.56
C SER B 13 -19.01 -19.64 -5.94
N GLY B 14 -18.56 -19.05 -4.84
CA GLY B 14 -19.33 -18.06 -4.10
C GLY B 14 -18.84 -16.62 -4.25
N MET B 15 -17.52 -16.42 -4.18
CA MET B 15 -16.90 -15.08 -4.21
C MET B 15 -15.77 -14.93 -5.23
N CYS B 16 -15.64 -13.74 -5.81
CA CYS B 16 -14.52 -13.37 -6.68
C CYS B 16 -13.59 -12.36 -5.99
N LYS B 17 -12.28 -12.59 -6.09
CA LYS B 17 -11.29 -11.69 -5.48
C LYS B 17 -10.31 -11.18 -6.54
N ALA B 18 -10.10 -9.86 -6.60
CA ALA B 18 -9.24 -9.24 -7.62
C ALA B 18 -8.41 -8.05 -7.12
N GLY B 19 -7.21 -7.88 -7.70
CA GLY B 19 -6.34 -6.74 -7.39
C GLY B 19 -5.05 -6.69 -8.20
N PHE B 20 -4.02 -6.06 -7.62
CA PHE B 20 -2.73 -5.84 -8.28
C PHE B 20 -1.61 -6.65 -7.66
N ALA B 21 -0.80 -7.26 -8.50
CA ALA B 21 0.38 -8.00 -8.04
C ALA B 21 1.29 -7.06 -7.25
N GLY B 22 1.77 -7.52 -6.10
CA GLY B 22 2.58 -6.68 -5.22
C GLY B 22 1.86 -6.10 -4.00
N ASP B 23 0.53 -5.98 -4.09
CA ASP B 23 -0.28 -5.60 -2.95
C ASP B 23 -0.44 -6.79 -2.00
N ASP B 24 -0.68 -6.51 -0.73
CA ASP B 24 -0.80 -7.56 0.29
C ASP B 24 -2.25 -8.02 0.51
N ALA B 25 -3.17 -7.44 -0.25
CA ALA B 25 -4.60 -7.77 -0.15
C ALA B 25 -5.33 -7.35 -1.42
N PRO B 26 -6.37 -8.12 -1.82
CA PRO B 26 -7.20 -7.73 -2.98
C PRO B 26 -7.95 -6.42 -2.72
N ARG B 27 -8.24 -5.67 -3.78
CA ARG B 27 -8.92 -4.38 -3.66
C ARG B 27 -10.41 -4.49 -3.89
N ALA B 28 -10.83 -5.63 -4.46
CA ALA B 28 -12.24 -5.86 -4.77
C ALA B 28 -12.61 -7.31 -4.48
N VAL B 29 -13.68 -7.49 -3.70
CA VAL B 29 -14.20 -8.80 -3.33
C VAL B 29 -15.73 -8.73 -3.51
N PHE B 30 -16.29 -9.60 -4.36
CA PHE B 30 -17.72 -9.57 -4.70
C PHE B 30 -18.28 -10.96 -5.06
N PRO B 31 -19.61 -11.14 -4.92
CA PRO B 31 -20.24 -12.43 -5.17
C PRO B 31 -20.32 -12.82 -6.65
N SER B 32 -20.04 -14.10 -6.92
CA SER B 32 -19.97 -14.67 -8.26
C SER B 32 -21.36 -14.96 -8.78
N ILE B 33 -22.11 -13.90 -9.06
CA ILE B 33 -23.52 -13.99 -9.44
C ILE B 33 -23.76 -13.08 -10.65
N VAL B 34 -24.49 -13.60 -11.64
CA VAL B 34 -24.90 -12.81 -12.82
C VAL B 34 -26.42 -12.80 -12.93
N GLY B 35 -26.99 -11.60 -13.09
CA GLY B 35 -28.44 -11.42 -13.11
C GLY B 35 -28.98 -10.90 -14.42
N ARG B 36 -30.16 -11.40 -14.81
CA ARG B 36 -30.79 -11.06 -16.08
C ARG B 36 -32.31 -10.93 -15.90
N PRO B 37 -32.95 -9.92 -16.55
CA PRO B 37 -34.40 -9.70 -16.54
C PRO B 37 -35.22 -10.98 -16.70
N ARG B 38 -36.27 -11.12 -15.90
CA ARG B 38 -37.13 -12.31 -15.92
C ARG B 38 -37.99 -12.36 -17.19
N ASP B 50 -29.87 -4.71 -18.86
CA ASP B 50 -29.96 -6.07 -19.49
C ASP B 50 -29.16 -7.15 -18.75
N SER B 51 -28.15 -6.72 -17.97
CA SER B 51 -27.29 -7.65 -17.25
C SER B 51 -26.65 -7.00 -16.02
N TYR B 52 -26.73 -7.68 -14.87
CA TYR B 52 -26.13 -7.19 -13.62
C TYR B 52 -25.14 -8.19 -13.02
N VAL B 53 -24.03 -7.68 -12.48
CA VAL B 53 -22.99 -8.52 -11.87
C VAL B 53 -22.68 -8.12 -10.42
N GLY B 54 -22.55 -9.12 -9.55
CA GLY B 54 -22.05 -8.91 -8.18
C GLY B 54 -23.08 -8.39 -7.19
N ASP B 55 -22.67 -7.36 -6.43
CA ASP B 55 -23.49 -6.78 -5.37
C ASP B 55 -24.81 -6.22 -5.90
N GLU B 56 -24.74 -5.46 -6.98
CA GLU B 56 -25.90 -4.94 -7.71
C GLU B 56 -26.92 -6.02 -8.02
N ALA B 57 -26.45 -7.13 -8.58
CA ALA B 57 -27.30 -8.25 -8.98
C ALA B 57 -28.09 -8.83 -7.80
N GLN B 58 -27.43 -8.96 -6.65
CA GLN B 58 -28.04 -9.51 -5.44
C GLN B 58 -29.13 -8.59 -4.87
N SER B 59 -28.81 -7.30 -4.73
CA SER B 59 -29.75 -6.33 -4.17
C SER B 59 -30.98 -6.15 -5.06
N LYS B 60 -30.79 -6.30 -6.38
CA LYS B 60 -31.88 -6.17 -7.36
C LYS B 60 -32.51 -7.51 -7.74
N ARG B 61 -32.29 -8.54 -6.92
CA ARG B 61 -32.74 -9.91 -7.21
C ARG B 61 -34.25 -10.07 -7.40
N GLY B 62 -35.01 -9.03 -7.09
CA GLY B 62 -36.46 -9.07 -7.19
C GLY B 62 -36.97 -9.07 -8.61
N ILE B 63 -36.30 -8.29 -9.46
CA ILE B 63 -36.70 -8.16 -10.86
C ILE B 63 -35.80 -8.99 -11.81
N LEU B 64 -34.95 -9.85 -11.23
CA LEU B 64 -33.95 -10.58 -12.01
C LEU B 64 -34.01 -12.10 -11.86
N THR B 65 -33.39 -12.79 -12.82
CA THR B 65 -33.09 -14.22 -12.75
C THR B 65 -31.59 -14.35 -12.52
N LEU B 66 -31.20 -15.09 -11.49
CA LEU B 66 -29.79 -15.19 -11.10
C LEU B 66 -29.15 -16.52 -11.55
N LYS B 67 -27.92 -16.43 -12.04
CA LYS B 67 -27.11 -17.62 -12.35
C LYS B 67 -25.76 -17.57 -11.64
N TYR B 68 -25.23 -18.76 -11.34
CA TYR B 68 -23.92 -18.92 -10.71
C TYR B 68 -23.07 -19.70 -11.71
N PRO B 69 -22.21 -18.98 -12.47
CA PRO B 69 -21.45 -19.57 -13.57
C PRO B 69 -20.42 -20.61 -13.13
N ILE B 70 -20.00 -20.56 -11.87
CA ILE B 70 -19.00 -21.49 -11.34
C ILE B 70 -19.65 -22.48 -10.35
N GLU B 71 -19.61 -23.78 -10.68
CA GLU B 71 -20.20 -24.82 -9.84
C GLU B 71 -19.14 -25.80 -9.32
N HIS B 72 -19.07 -25.93 -7.99
CA HIS B 72 -18.03 -26.72 -7.33
C HIS B 72 -16.63 -26.43 -7.87
N GLY B 73 -16.36 -25.15 -8.15
CA GLY B 73 -15.06 -24.70 -8.65
C GLY B 73 -14.84 -24.71 -10.16
N ILE B 74 -15.74 -25.37 -10.90
CA ILE B 74 -15.61 -25.54 -12.36
C ILE B 74 -16.56 -24.58 -13.09
N VAL B 75 -16.04 -23.87 -14.09
CA VAL B 75 -16.86 -22.95 -14.91
C VAL B 75 -17.81 -23.74 -15.79
N THR B 76 -19.12 -23.46 -15.68
CA THR B 76 -20.14 -24.20 -16.44
C THR B 76 -20.93 -23.38 -17.48
N ASN B 77 -20.84 -22.05 -17.39
CA ASN B 77 -21.57 -21.13 -18.29
C ASN B 77 -20.63 -20.02 -18.77
N TRP B 78 -20.18 -20.11 -20.02
CA TRP B 78 -19.08 -19.27 -20.51
C TRP B 78 -19.49 -17.83 -20.90
N ASP B 79 -20.71 -17.66 -21.39
CA ASP B 79 -21.27 -16.32 -21.61
C ASP B 79 -21.24 -15.49 -20.33
N ASP B 80 -21.70 -16.09 -19.23
CA ASP B 80 -21.79 -15.40 -17.93
C ASP B 80 -20.43 -15.19 -17.26
N MET B 81 -19.49 -16.11 -17.47
CA MET B 81 -18.12 -15.98 -16.96
C MET B 81 -17.42 -14.78 -17.60
N GLU B 82 -17.66 -14.59 -18.89
CA GLU B 82 -17.16 -13.46 -19.64
C GLU B 82 -17.70 -12.13 -19.09
N LYS B 83 -18.98 -12.12 -18.75
CA LYS B 83 -19.61 -10.97 -18.09
C LYS B 83 -18.99 -10.61 -16.73
N ILE B 84 -18.60 -11.63 -15.96
CA ILE B 84 -17.93 -11.38 -14.67
C ILE B 84 -16.57 -10.72 -14.88
N TRP B 85 -15.80 -11.23 -15.86
CA TRP B 85 -14.48 -10.70 -16.19
C TRP B 85 -14.53 -9.25 -16.71
N HIS B 86 -15.54 -8.92 -17.52
CA HIS B 86 -15.76 -7.55 -17.98
C HIS B 86 -16.01 -6.61 -16.79
N HIS B 87 -16.85 -7.06 -15.86
CA HIS B 87 -17.11 -6.36 -14.61
C HIS B 87 -15.86 -6.21 -13.75
N THR B 88 -15.04 -7.27 -13.67
CA THR B 88 -13.81 -7.21 -12.89
C THR B 88 -12.85 -6.11 -13.40
N PHE B 89 -12.63 -6.06 -14.72
CA PHE B 89 -11.69 -5.11 -15.32
C PHE B 89 -12.22 -3.66 -15.31
N TYR B 90 -13.42 -3.46 -15.85
CA TYR B 90 -13.93 -2.12 -16.15
C TYR B 90 -14.57 -1.40 -14.98
N ASN B 91 -15.28 -2.14 -14.12
CA ASN B 91 -16.06 -1.54 -13.04
C ASN B 91 -15.43 -1.62 -11.65
N GLU B 92 -14.68 -2.70 -11.39
CA GLU B 92 -14.11 -2.93 -10.05
C GLU B 92 -12.70 -2.38 -9.92
N LEU B 93 -11.81 -2.80 -10.81
CA LEU B 93 -10.42 -2.33 -10.80
C LEU B 93 -10.25 -1.03 -11.57
N ARG B 94 -11.14 -0.78 -12.54
CA ARG B 94 -11.10 0.42 -13.41
C ARG B 94 -9.80 0.48 -14.22
N VAL B 95 -9.58 -0.54 -15.05
CA VAL B 95 -8.36 -0.66 -15.86
C VAL B 95 -8.68 -1.12 -17.29
N ALA B 96 -7.72 -0.96 -18.19
CA ALA B 96 -7.84 -1.48 -19.54
C ALA B 96 -7.04 -2.78 -19.67
N PRO B 97 -7.72 -3.90 -20.00
CA PRO B 97 -7.08 -5.23 -20.02
C PRO B 97 -5.90 -5.32 -20.97
N GLU B 98 -5.95 -4.58 -22.08
CA GLU B 98 -4.90 -4.65 -23.09
C GLU B 98 -3.57 -4.05 -22.62
N GLU B 99 -3.59 -3.45 -21.42
CA GLU B 99 -2.42 -2.77 -20.85
C GLU B 99 -1.67 -3.59 -19.79
N HIS B 100 -2.25 -4.73 -19.39
CA HIS B 100 -1.74 -5.48 -18.24
C HIS B 100 -1.66 -6.99 -18.48
N PRO B 101 -0.57 -7.63 -18.02
CA PRO B 101 -0.53 -9.09 -17.93
C PRO B 101 -1.54 -9.56 -16.87
N VAL B 102 -2.12 -10.74 -17.06
CA VAL B 102 -3.16 -11.23 -16.14
C VAL B 102 -2.92 -12.66 -15.67
N LEU B 103 -2.76 -12.82 -14.35
CA LEU B 103 -2.70 -14.15 -13.71
C LEU B 103 -4.12 -14.52 -13.25
N LEU B 104 -4.61 -15.66 -13.76
CA LEU B 104 -5.92 -16.22 -13.38
C LEU B 104 -5.70 -17.50 -12.59
N THR B 105 -6.71 -17.92 -11.82
CA THR B 105 -6.61 -19.15 -11.02
C THR B 105 -7.61 -20.22 -11.51
N GLU B 106 -7.29 -21.49 -11.28
CA GLU B 106 -8.18 -22.60 -11.66
C GLU B 106 -8.27 -23.65 -10.56
N ALA B 107 -9.35 -24.44 -10.58
CA ALA B 107 -9.55 -25.56 -9.66
C ALA B 107 -8.54 -26.68 -9.91
N PRO B 108 -8.22 -27.48 -8.88
CA PRO B 108 -7.50 -28.73 -9.13
C PRO B 108 -8.27 -29.63 -10.11
N LEU B 109 -7.52 -30.36 -10.94
CA LEU B 109 -8.09 -31.26 -11.95
C LEU B 109 -9.11 -30.59 -12.90
N ASN B 110 -8.92 -29.31 -13.20
CA ASN B 110 -9.70 -28.60 -14.22
C ASN B 110 -9.54 -29.30 -15.58
N PRO B 111 -10.67 -29.68 -16.24
CA PRO B 111 -10.60 -30.33 -17.55
C PRO B 111 -9.81 -29.53 -18.58
N LYS B 112 -9.00 -30.23 -19.37
CA LYS B 112 -8.13 -29.61 -20.39
C LYS B 112 -8.87 -28.61 -21.28
N ALA B 113 -10.06 -28.99 -21.74
CA ALA B 113 -10.89 -28.12 -22.59
C ALA B 113 -11.24 -26.77 -21.94
N ASN B 114 -11.43 -26.79 -20.62
CA ASN B 114 -11.74 -25.57 -19.86
C ASN B 114 -10.56 -24.60 -19.83
N ARG B 115 -9.35 -25.15 -19.62
CA ARG B 115 -8.12 -24.36 -19.62
C ARG B 115 -7.92 -23.62 -20.95
N GLU B 116 -8.22 -24.31 -22.04
CA GLU B 116 -8.10 -23.77 -23.40
C GLU B 116 -9.07 -22.62 -23.67
N LYS B 117 -10.31 -22.77 -23.23
CA LYS B 117 -11.36 -21.76 -23.48
C LYS B 117 -11.05 -20.44 -22.73
N MET B 118 -10.66 -20.57 -21.47
CA MET B 118 -10.24 -19.44 -20.63
C MET B 118 -9.05 -18.67 -21.25
N THR B 119 -8.08 -19.41 -21.80
CA THR B 119 -6.94 -18.84 -22.54
C THR B 119 -7.39 -18.09 -23.81
N GLN B 120 -8.32 -18.69 -24.55
CA GLN B 120 -8.89 -18.10 -25.75
C GLN B 120 -9.58 -16.76 -25.49
N ILE B 121 -10.38 -16.70 -24.42
CA ILE B 121 -11.16 -15.50 -24.09
C ILE B 121 -10.28 -14.31 -23.65
N MET B 122 -9.24 -14.57 -22.86
CA MET B 122 -8.32 -13.52 -22.44
C MET B 122 -7.66 -12.83 -23.64
N PHE B 123 -7.15 -13.64 -24.57
CA PHE B 123 -6.42 -13.12 -25.74
C PHE B 123 -7.29 -12.57 -26.86
N GLU B 124 -8.39 -13.25 -27.19
CA GLU B 124 -9.23 -12.83 -28.32
C GLU B 124 -10.36 -11.86 -27.97
N THR B 125 -10.87 -11.91 -26.74
CA THR B 125 -11.91 -10.96 -26.30
C THR B 125 -11.34 -9.74 -25.57
N PHE B 126 -10.32 -9.96 -24.75
CA PHE B 126 -9.82 -8.89 -23.90
C PHE B 126 -8.46 -8.34 -24.33
N ASN B 127 -7.81 -9.05 -25.25
CA ASN B 127 -6.54 -8.63 -25.85
C ASN B 127 -5.41 -8.40 -24.85
N THR B 128 -5.33 -9.27 -23.84
CA THR B 128 -4.29 -9.18 -22.84
C THR B 128 -2.92 -9.40 -23.51
N PRO B 129 -1.93 -8.55 -23.21
CA PRO B 129 -0.61 -8.73 -23.81
C PRO B 129 0.07 -10.01 -23.33
N ALA B 130 -0.33 -10.49 -22.15
CA ALA B 130 0.25 -11.67 -21.52
C ALA B 130 -0.72 -12.29 -20.51
N MET B 131 -0.63 -13.60 -20.30
CA MET B 131 -1.42 -14.28 -19.28
C MET B 131 -0.81 -15.59 -18.82
N TYR B 132 -1.34 -16.08 -17.70
CA TYR B 132 -0.90 -17.31 -17.08
C TYR B 132 -2.07 -17.82 -16.23
N VAL B 133 -2.08 -19.12 -15.97
CA VAL B 133 -3.10 -19.74 -15.11
C VAL B 133 -2.44 -20.73 -14.14
N ALA B 134 -2.72 -20.55 -12.84
CA ALA B 134 -2.16 -21.42 -11.79
C ALA B 134 -3.24 -22.08 -10.92
N ILE B 135 -2.89 -23.24 -10.35
CA ILE B 135 -3.80 -23.99 -9.47
C ILE B 135 -3.97 -23.30 -8.12
N GLN B 136 -5.23 -23.10 -7.71
CA GLN B 136 -5.57 -22.41 -6.45
C GLN B 136 -4.80 -22.94 -5.21
N ALA B 137 -4.81 -24.26 -5.01
CA ALA B 137 -4.17 -24.87 -3.84
C ALA B 137 -2.66 -24.66 -3.77
N VAL B 138 -2.00 -24.63 -4.93
CA VAL B 138 -0.55 -24.43 -5.05
C VAL B 138 -0.15 -23.00 -4.68
N LEU B 139 -0.96 -22.02 -5.08
CA LEU B 139 -0.76 -20.63 -4.72
C LEU B 139 -0.81 -20.41 -3.20
N SER B 140 -1.76 -21.05 -2.53
CA SER B 140 -1.86 -21.01 -1.06
C SER B 140 -0.62 -21.57 -0.36
N LEU B 141 -0.10 -22.69 -0.87
CA LEU B 141 1.13 -23.27 -0.32
C LEU B 141 2.30 -22.28 -0.46
N TYR B 142 2.35 -21.59 -1.59
CA TYR B 142 3.38 -20.58 -1.86
C TYR B 142 3.32 -19.44 -0.83
N ALA B 143 2.11 -18.96 -0.56
CA ALA B 143 1.88 -17.85 0.37
C ALA B 143 2.38 -18.16 1.80
N SER B 144 2.48 -19.44 2.13
CA SER B 144 3.00 -19.87 3.43
C SER B 144 4.50 -20.14 3.39
N GLY B 145 5.13 -19.80 2.26
CA GLY B 145 6.58 -19.95 2.07
C GLY B 145 7.06 -21.37 1.91
N ARG B 146 6.20 -22.24 1.37
CA ARG B 146 6.55 -23.65 1.15
C ARG B 146 6.38 -24.02 -0.32
N THR B 147 7.13 -25.02 -0.77
CA THR B 147 6.94 -25.61 -2.11
C THR B 147 6.65 -27.12 -2.04
N THR B 148 6.69 -27.67 -0.82
CA THR B 148 6.28 -29.06 -0.59
C THR B 148 5.31 -29.16 0.60
N GLY B 149 4.19 -29.86 0.40
CA GLY B 149 3.18 -30.11 1.45
C GLY B 149 1.81 -30.56 0.92
N ILE B 150 0.83 -30.75 1.80
CA ILE B 150 -0.55 -31.09 1.36
C ILE B 150 -1.54 -30.03 1.85
N VAL B 151 -2.33 -29.48 0.91
CA VAL B 151 -3.27 -28.38 1.20
C VAL B 151 -4.72 -28.88 1.25
N LEU B 152 -5.44 -28.53 2.32
CA LEU B 152 -6.90 -28.73 2.35
C LEU B 152 -7.56 -27.38 2.10
N ASP B 153 -8.27 -27.27 0.97
CA ASP B 153 -8.90 -26.02 0.53
C ASP B 153 -10.42 -26.18 0.54
N SER B 154 -11.10 -25.52 1.49
CA SER B 154 -12.57 -25.58 1.59
C SER B 154 -13.18 -24.19 1.46
N GLY B 155 -14.01 -24.00 0.42
CA GLY B 155 -14.61 -22.71 0.11
C GLY B 155 -16.11 -22.67 0.33
N ASP B 156 -16.84 -22.13 -0.67
CA ASP B 156 -18.32 -22.05 -0.64
C ASP B 156 -18.98 -23.29 -1.27
N GLY B 157 -18.35 -23.85 -2.29
CA GLY B 157 -18.96 -24.95 -3.04
C GLY B 157 -18.25 -26.29 -3.09
N VAL B 158 -16.95 -26.31 -2.77
CA VAL B 158 -16.17 -27.55 -2.86
C VAL B 158 -15.01 -27.59 -1.85
N SER B 159 -14.63 -28.80 -1.42
CA SER B 159 -13.42 -29.02 -0.62
C SER B 159 -12.48 -29.98 -1.37
N HIS B 160 -11.22 -29.58 -1.56
CA HIS B 160 -10.19 -30.44 -2.19
C HIS B 160 -9.02 -30.72 -1.22
N THR B 161 -8.41 -31.92 -1.32
CA THR B 161 -7.10 -32.22 -0.70
C THR B 161 -6.05 -32.45 -1.80
N VAL B 162 -4.97 -31.66 -1.79
CA VAL B 162 -4.01 -31.56 -2.91
C VAL B 162 -2.54 -31.76 -2.47
N PRO B 163 -1.98 -32.97 -2.66
CA PRO B 163 -0.53 -33.17 -2.43
C PRO B 163 0.33 -32.47 -3.49
N ILE B 164 1.37 -31.78 -3.03
CA ILE B 164 2.25 -30.96 -3.86
C ILE B 164 3.72 -31.25 -3.53
N TYR B 165 4.54 -31.43 -4.57
CA TYR B 165 5.95 -31.75 -4.39
C TYR B 165 6.83 -30.91 -5.32
N GLU B 166 7.68 -30.07 -4.72
CA GLU B 166 8.56 -29.13 -5.42
C GLU B 166 7.82 -28.26 -6.44
N GLY B 167 6.67 -27.74 -6.04
CA GLY B 167 5.88 -26.84 -6.88
C GLY B 167 4.88 -27.54 -7.78
N TYR B 168 4.87 -28.88 -7.78
CA TYR B 168 3.96 -29.66 -8.64
C TYR B 168 2.88 -30.42 -7.87
N ALA B 169 1.61 -30.13 -8.17
CA ALA B 169 0.50 -30.93 -7.65
C ALA B 169 0.52 -32.33 -8.28
N LEU B 170 0.20 -33.35 -7.47
CA LEU B 170 0.22 -34.74 -7.89
C LEU B 170 -1.22 -35.22 -8.21
N PRO B 171 -1.58 -35.29 -9.51
CA PRO B 171 -2.99 -35.44 -9.93
C PRO B 171 -3.62 -36.77 -9.51
N HIS B 172 -2.81 -37.82 -9.47
CA HIS B 172 -3.26 -39.16 -9.10
C HIS B 172 -3.72 -39.25 -7.64
N ALA B 173 -3.29 -38.31 -6.82
CA ALA B 173 -3.57 -38.34 -5.37
C ALA B 173 -4.54 -37.23 -4.89
N ILE B 174 -5.10 -36.46 -5.81
CA ILE B 174 -6.05 -35.40 -5.48
C ILE B 174 -7.45 -35.98 -5.19
N LEU B 175 -8.11 -35.50 -4.14
CA LEU B 175 -9.49 -35.92 -3.82
C LEU B 175 -10.46 -34.72 -3.76
N ARG B 176 -11.72 -34.95 -4.10
CA ARG B 176 -12.76 -33.90 -4.20
C ARG B 176 -13.97 -34.29 -3.34
N LEU B 177 -14.47 -33.35 -2.54
CA LEU B 177 -15.68 -33.54 -1.73
C LEU B 177 -16.63 -32.35 -1.89
N ASP B 178 -17.83 -32.60 -2.42
CA ASP B 178 -18.81 -31.52 -2.61
C ASP B 178 -19.61 -31.23 -1.33
N LEU B 179 -18.90 -30.75 -0.31
CA LEU B 179 -19.47 -30.34 0.96
C LEU B 179 -18.62 -29.18 1.48
N ALA B 180 -19.22 -27.99 1.50
CA ALA B 180 -18.55 -26.76 1.92
C ALA B 180 -19.53 -25.72 2.52
N GLY B 181 -19.16 -24.44 2.45
CA GLY B 181 -19.83 -23.37 3.19
C GLY B 181 -21.32 -23.22 2.92
N ARG B 182 -21.71 -23.38 1.66
CA ARG B 182 -23.10 -23.25 1.23
C ARG B 182 -23.97 -24.30 1.90
N ASP B 183 -23.47 -25.55 1.93
CA ASP B 183 -24.11 -26.68 2.59
C ASP B 183 -24.26 -26.49 4.11
N LEU B 184 -23.22 -25.92 4.74
CA LEU B 184 -23.26 -25.62 6.17
C LEU B 184 -24.30 -24.53 6.51
N THR B 185 -24.40 -23.49 5.68
CA THR B 185 -25.41 -22.45 5.88
C THR B 185 -26.83 -23.03 5.83
N ASP B 186 -27.10 -23.85 4.82
CA ASP B 186 -28.43 -24.50 4.67
C ASP B 186 -28.77 -25.40 5.86
N TYR B 187 -27.76 -26.12 6.36
CA TYR B 187 -27.94 -27.02 7.51
C TYR B 187 -28.23 -26.24 8.80
N LEU B 188 -27.59 -25.09 8.99
CA LEU B 188 -27.86 -24.23 10.15
C LEU B 188 -29.31 -23.66 10.11
N MET B 189 -29.78 -23.26 8.92
CA MET B 189 -31.19 -22.82 8.75
C MET B 189 -32.17 -23.91 9.22
N LYS B 190 -31.86 -25.16 8.87
CA LYS B 190 -32.69 -26.30 9.18
C LYS B 190 -32.78 -26.57 10.69
N ILE B 191 -31.62 -26.67 11.36
CA ILE B 191 -31.59 -27.07 12.78
C ILE B 191 -32.02 -25.94 13.74
N LEU B 192 -31.92 -24.69 13.29
CA LEU B 192 -32.41 -23.54 14.04
C LEU B 192 -33.93 -23.51 14.03
N THR B 193 -34.49 -23.95 12.91
CA THR B 193 -35.93 -24.05 12.69
C THR B 193 -36.47 -25.21 13.50
N GLU B 194 -35.60 -26.15 13.84
CA GLU B 194 -35.93 -27.21 14.78
C GLU B 194 -35.83 -26.79 16.25
N ARG B 195 -35.38 -25.57 16.52
CA ARG B 195 -35.38 -25.01 17.90
C ARG B 195 -36.55 -24.07 18.15
N GLY B 196 -37.30 -23.73 17.10
CA GLY B 196 -38.44 -22.83 17.21
C GLY B 196 -38.42 -21.59 16.31
N TYR B 197 -37.28 -21.32 15.70
CA TYR B 197 -37.15 -20.15 14.82
C TYR B 197 -37.56 -20.51 13.39
N SER B 198 -37.81 -19.52 12.54
CA SER B 198 -38.19 -19.82 11.16
C SER B 198 -37.37 -19.01 10.15
N PHE B 199 -36.24 -19.56 9.74
CA PHE B 199 -35.43 -18.96 8.67
C PHE B 199 -35.60 -19.81 7.40
N THR B 200 -36.22 -19.23 6.37
CA THR B 200 -36.54 -19.97 5.14
C THR B 200 -36.36 -19.17 3.83
N THR B 201 -36.51 -17.85 3.87
CA THR B 201 -36.41 -17.03 2.64
C THR B 201 -34.96 -16.72 2.27
N THR B 202 -34.79 -16.19 1.04
CA THR B 202 -33.46 -15.85 0.51
C THR B 202 -32.78 -14.74 1.32
N GLU B 203 -33.57 -13.75 1.76
CA GLU B 203 -33.07 -12.71 2.68
C GLU B 203 -32.64 -13.32 4.03
N GLU B 204 -33.40 -14.32 4.50
CA GLU B 204 -33.13 -15.00 5.77
C GLU B 204 -31.87 -15.89 5.69
N ARG B 205 -31.58 -16.43 4.51
CA ARG B 205 -30.37 -17.21 4.28
C ARG B 205 -29.10 -16.39 4.52
N GLU B 206 -29.17 -15.10 4.17
CA GLU B 206 -28.03 -14.18 4.33
C GLU B 206 -27.76 -13.81 5.78
N ILE B 207 -28.83 -13.74 6.57
CA ILE B 207 -28.75 -13.51 8.01
C ILE B 207 -28.07 -14.71 8.70
N VAL B 208 -28.51 -15.92 8.37
CA VAL B 208 -28.00 -17.16 9.00
C VAL B 208 -26.51 -17.37 8.64
N ARG B 209 -26.14 -17.00 7.41
CA ARG B 209 -24.73 -17.02 6.99
C ARG B 209 -23.88 -16.14 7.91
N ASP B 210 -24.36 -14.95 8.25
CA ASP B 210 -23.69 -14.08 9.23
C ASP B 210 -23.61 -14.75 10.62
N ILE B 211 -24.73 -15.34 11.08
CA ILE B 211 -24.74 -16.08 12.36
C ILE B 211 -23.66 -17.17 12.37
N LYS B 212 -23.62 -17.97 11.31
CA LYS B 212 -22.62 -19.01 11.14
C LYS B 212 -21.18 -18.49 11.28
N GLU B 213 -20.86 -17.41 10.56
CA GLU B 213 -19.51 -16.84 10.52
C GLU B 213 -19.08 -16.19 11.85
N LYS B 214 -20.05 -15.69 12.61
CA LYS B 214 -19.78 -15.00 13.90
C LYS B 214 -19.74 -15.89 15.14
N LEU B 215 -20.59 -16.92 15.19
CA LEU B 215 -20.78 -17.72 16.42
C LEU B 215 -20.44 -19.24 16.38
N CYS B 216 -20.23 -19.82 15.19
CA CYS B 216 -19.99 -21.28 15.10
C CYS B 216 -18.52 -21.64 15.42
N TYR B 217 -18.27 -22.87 15.87
CA TYR B 217 -16.91 -23.35 16.19
C TYR B 217 -16.85 -24.89 16.08
N VAL B 218 -15.64 -25.43 15.97
CA VAL B 218 -15.43 -26.89 15.92
C VAL B 218 -15.05 -27.44 17.31
N ALA B 219 -15.83 -28.40 17.79
CA ALA B 219 -15.56 -29.08 19.06
C ALA B 219 -14.35 -30.02 18.96
N LEU B 220 -13.57 -30.11 20.05
CA LEU B 220 -12.44 -31.06 20.10
C LEU B 220 -12.90 -32.52 20.24
N ASP B 221 -13.95 -32.73 21.04
CA ASP B 221 -14.57 -34.04 21.26
C ASP B 221 -16.09 -33.86 21.19
N PHE B 222 -16.69 -34.28 20.07
CA PHE B 222 -18.10 -34.00 19.79
C PHE B 222 -19.09 -34.52 20.84
N GLU B 223 -18.94 -35.79 21.24
CA GLU B 223 -19.83 -36.43 22.24
C GLU B 223 -19.82 -35.69 23.56
N GLN B 224 -18.62 -35.30 23.98
CA GLN B 224 -18.43 -34.60 25.25
C GLN B 224 -19.00 -33.18 25.24
N GLU B 225 -18.85 -32.49 24.11
CA GLU B 225 -19.40 -31.14 23.96
C GLU B 225 -20.93 -31.19 23.97
N MET B 226 -21.51 -32.21 23.33
CA MET B 226 -22.96 -32.44 23.39
C MET B 226 -23.45 -32.62 24.83
N ALA B 227 -22.67 -33.34 25.64
CA ALA B 227 -22.98 -33.56 27.08
C ALA B 227 -22.89 -32.28 27.91
N THR B 228 -21.89 -31.45 27.62
CA THR B 228 -21.73 -30.15 28.27
C THR B 228 -22.93 -29.23 28.01
N ALA B 229 -23.41 -29.21 26.76
CA ALA B 229 -24.51 -28.34 26.37
C ALA B 229 -25.87 -28.79 26.94
N ALA B 230 -26.00 -30.09 27.19
CA ALA B 230 -27.23 -30.67 27.75
C ALA B 230 -27.36 -30.49 29.27
N SER B 231 -26.25 -30.23 29.96
CA SER B 231 -26.23 -30.10 31.42
C SER B 231 -26.25 -28.65 31.97
N SER B 232 -25.89 -27.67 31.13
CA SER B 232 -25.88 -26.25 31.53
C SER B 232 -25.95 -25.31 30.32
N SER B 233 -26.10 -24.00 30.56
CA SER B 233 -26.11 -23.01 29.48
C SER B 233 -24.74 -22.34 29.26
N SER B 234 -23.67 -22.98 29.73
CA SER B 234 -22.32 -22.41 29.64
C SER B 234 -21.83 -22.12 28.21
N LEU B 235 -22.39 -22.81 27.21
CA LEU B 235 -21.96 -22.64 25.81
C LEU B 235 -22.88 -21.76 24.93
N GLU B 236 -23.93 -21.19 25.52
CA GLU B 236 -24.90 -20.38 24.77
C GLU B 236 -24.37 -18.99 24.44
N LYS B 237 -24.73 -18.47 23.26
CA LYS B 237 -24.41 -17.10 22.82
C LYS B 237 -25.65 -16.45 22.19
N SER B 238 -25.73 -15.12 22.27
CA SER B 238 -26.87 -14.34 21.75
C SER B 238 -26.55 -13.56 20.47
N TYR B 239 -27.59 -13.25 19.69
CA TYR B 239 -27.45 -12.56 18.41
C TYR B 239 -28.65 -11.65 18.19
N GLU B 240 -28.36 -10.40 17.86
CA GLU B 240 -29.39 -9.38 17.65
C GLU B 240 -29.70 -9.17 16.17
N LEU B 241 -30.97 -9.37 15.82
CA LEU B 241 -31.46 -9.13 14.46
C LEU B 241 -31.69 -7.63 14.20
N LYS B 242 -31.83 -7.27 12.92
CA LYS B 242 -32.00 -5.87 12.48
C LYS B 242 -33.11 -5.10 13.21
N ASP B 243 -34.20 -5.80 13.54
CA ASP B 243 -35.38 -5.17 14.14
C ASP B 243 -35.33 -5.18 15.67
N GLY B 244 -34.25 -5.70 16.23
CA GLY B 244 -34.04 -5.67 17.67
C GLY B 244 -34.38 -6.93 18.43
N GLN B 245 -34.89 -7.95 17.74
CA GLN B 245 -35.11 -9.26 18.38
C GLN B 245 -33.78 -9.94 18.69
N VAL B 246 -33.65 -10.46 19.91
CA VAL B 246 -32.44 -11.19 20.31
C VAL B 246 -32.76 -12.69 20.33
N ILE B 247 -31.93 -13.48 19.65
CA ILE B 247 -32.11 -14.94 19.66
C ILE B 247 -30.93 -15.63 20.37
N THR B 248 -31.14 -16.88 20.77
CA THR B 248 -30.12 -17.64 21.51
C THR B 248 -29.81 -18.97 20.85
N ILE B 249 -28.52 -19.29 20.79
CA ILE B 249 -28.01 -20.47 20.11
C ILE B 249 -27.09 -21.27 21.06
N GLY B 250 -27.28 -22.60 21.09
CA GLY B 250 -26.52 -23.48 22.00
C GLY B 250 -25.68 -24.51 21.26
N ASN B 251 -26.11 -25.78 21.29
CA ASN B 251 -25.37 -26.84 20.60
C ASN B 251 -25.30 -26.69 19.05
N GLU B 252 -26.25 -25.94 18.49
CA GLU B 252 -26.20 -25.57 17.06
C GLU B 252 -24.85 -24.93 16.65
N ARG B 253 -24.19 -24.25 17.61
CA ARG B 253 -22.89 -23.60 17.36
C ARG B 253 -21.81 -24.55 16.82
N PHE B 254 -21.81 -25.81 17.29
CA PHE B 254 -20.79 -26.78 16.89
C PHE B 254 -21.32 -27.97 16.08
N ARG B 255 -22.64 -28.18 16.12
CA ARG B 255 -23.28 -29.20 15.29
C ARG B 255 -23.20 -28.84 13.80
N CYS B 256 -23.31 -27.55 13.49
CA CYS B 256 -23.21 -27.06 12.10
C CYS B 256 -21.86 -27.42 11.43
N PRO B 257 -20.72 -26.94 11.96
CA PRO B 257 -19.43 -27.35 11.31
C PRO B 257 -18.99 -28.82 11.52
N GLU B 258 -19.67 -29.52 12.42
CA GLU B 258 -19.43 -30.96 12.61
C GLU B 258 -19.70 -31.78 11.33
N ALA B 259 -20.58 -31.31 10.46
CA ALA B 259 -20.84 -31.97 9.17
C ALA B 259 -19.58 -32.15 8.28
N LEU B 260 -18.55 -31.31 8.48
CA LEU B 260 -17.28 -31.45 7.74
C LEU B 260 -16.55 -32.73 8.14
N PHE B 261 -16.75 -33.13 9.40
CA PHE B 261 -16.17 -34.38 9.91
C PHE B 261 -17.14 -35.58 9.82
N GLN B 262 -18.45 -35.33 9.78
CA GLN B 262 -19.39 -36.42 9.55
C GLN B 262 -20.46 -36.10 8.48
N PRO B 263 -20.16 -36.42 7.21
CA PRO B 263 -21.10 -36.12 6.11
C PRO B 263 -22.45 -36.83 6.21
N SER B 264 -22.53 -37.84 7.08
CA SER B 264 -23.80 -38.46 7.48
C SER B 264 -24.88 -37.45 7.89
N PHE B 265 -24.48 -36.39 8.60
CA PHE B 265 -25.40 -35.33 9.05
C PHE B 265 -26.23 -34.75 7.91
N LEU B 266 -25.66 -34.75 6.71
CA LEU B 266 -26.31 -34.21 5.51
C LEU B 266 -26.84 -35.29 4.56
N GLY B 267 -26.77 -36.54 4.99
CA GLY B 267 -27.24 -37.68 4.19
C GLY B 267 -26.26 -38.19 3.13
N MET B 268 -24.98 -37.85 3.27
CA MET B 268 -23.94 -38.28 2.32
C MET B 268 -23.19 -39.51 2.82
N GLU B 269 -22.95 -40.46 1.92
CA GLU B 269 -22.06 -41.59 2.22
C GLU B 269 -20.64 -41.20 1.79
N ALA B 270 -19.91 -40.54 2.67
CA ALA B 270 -18.57 -40.03 2.35
C ALA B 270 -17.72 -39.91 3.62
N CYS B 271 -16.40 -39.98 3.44
CA CYS B 271 -15.41 -39.71 4.50
C CYS B 271 -15.37 -38.22 4.79
N GLY B 272 -15.13 -37.87 6.06
CA GLY B 272 -14.92 -36.45 6.46
C GLY B 272 -13.58 -35.88 6.02
N ILE B 273 -13.39 -34.59 6.23
CA ILE B 273 -12.17 -33.88 5.78
C ILE B 273 -10.83 -34.43 6.35
N HIS B 274 -10.87 -34.96 7.57
CA HIS B 274 -9.71 -35.58 8.22
C HIS B 274 -9.28 -36.87 7.52
N GLU B 275 -10.26 -37.72 7.23
CA GLU B 275 -10.00 -39.01 6.57
C GLU B 275 -9.67 -38.85 5.08
N THR B 276 -10.22 -37.81 4.45
CA THR B 276 -9.89 -37.45 3.05
C THR B 276 -8.43 -37.00 2.92
N THR B 277 -7.97 -36.20 3.88
CA THR B 277 -6.56 -35.76 3.92
C THR B 277 -5.60 -36.94 4.07
N TYR B 278 -5.93 -37.87 4.99
CA TYR B 278 -5.15 -39.10 5.21
C TYR B 278 -5.14 -40.01 3.97
N ASN B 279 -6.31 -40.23 3.38
CA ASN B 279 -6.43 -41.00 2.13
C ASN B 279 -5.56 -40.48 0.96
N SER B 280 -5.49 -39.15 0.79
CA SER B 280 -4.63 -38.54 -0.24
C SER B 280 -3.13 -38.81 0.01
N ILE B 281 -2.68 -38.63 1.25
CA ILE B 281 -1.27 -38.88 1.62
C ILE B 281 -0.87 -40.33 1.31
N MET B 282 -1.78 -41.25 1.62
CA MET B 282 -1.54 -42.68 1.41
C MET B 282 -1.47 -43.11 -0.07
N LYS B 283 -1.95 -42.25 -0.96
CA LYS B 283 -1.86 -42.46 -2.41
C LYS B 283 -0.50 -42.03 -2.97
N CYS B 284 0.31 -41.39 -2.14
CA CYS B 284 1.60 -40.86 -2.58
C CYS B 284 2.74 -41.85 -2.29
N ASP B 285 3.85 -41.67 -3.01
CA ASP B 285 5.09 -42.44 -2.82
C ASP B 285 5.49 -42.48 -1.34
N VAL B 286 5.67 -43.70 -0.81
CA VAL B 286 6.05 -43.91 0.60
C VAL B 286 7.16 -42.98 1.11
N ASP B 287 8.09 -42.63 0.21
CA ASP B 287 9.28 -41.87 0.59
C ASP B 287 9.04 -40.37 0.80
N ILE B 288 7.85 -39.88 0.45
CA ILE B 288 7.51 -38.46 0.65
C ILE B 288 6.44 -38.21 1.73
N ARG B 289 5.80 -39.28 2.20
CA ARG B 289 4.67 -39.15 3.15
C ARG B 289 5.01 -38.34 4.41
N LYS B 290 6.18 -38.60 5.01
CA LYS B 290 6.61 -37.89 6.21
C LYS B 290 6.72 -36.36 6.01
N ASP B 291 7.11 -35.94 4.81
CA ASP B 291 7.13 -34.52 4.46
C ASP B 291 5.71 -33.92 4.42
N LEU B 292 4.73 -34.73 4.05
CA LEU B 292 3.35 -34.25 3.91
C LEU B 292 2.68 -34.18 5.28
N TYR B 293 2.89 -35.21 6.07
CA TYR B 293 2.41 -35.26 7.47
C TYR B 293 2.88 -34.08 8.30
N ALA B 294 4.10 -33.62 8.06
CA ALA B 294 4.69 -32.52 8.81
C ALA B 294 4.41 -31.15 8.20
N ASN B 295 3.72 -31.12 7.05
CA ASN B 295 3.38 -29.88 6.36
C ASN B 295 1.95 -29.85 5.81
N THR B 296 0.96 -30.14 6.66
CA THR B 296 -0.47 -30.04 6.26
C THR B 296 -1.01 -28.61 6.46
N VAL B 297 -1.37 -27.93 5.37
CA VAL B 297 -1.75 -26.50 5.39
C VAL B 297 -3.26 -26.29 5.14
N LEU B 298 -3.91 -25.42 5.92
CA LEU B 298 -5.34 -25.14 5.74
C LEU B 298 -5.58 -23.84 4.97
N SER B 299 -6.51 -23.85 4.01
CA SER B 299 -6.92 -22.64 3.27
C SER B 299 -8.41 -22.57 2.91
N GLY B 300 -8.92 -21.37 2.66
CA GLY B 300 -10.31 -21.15 2.26
C GLY B 300 -11.18 -20.61 3.39
N GLY B 301 -12.25 -19.91 3.04
CA GLY B 301 -13.17 -19.33 4.03
C GLY B 301 -13.73 -20.32 5.03
N THR B 302 -14.01 -21.55 4.57
CA THR B 302 -14.63 -22.57 5.43
C THR B 302 -13.65 -23.24 6.42
N THR B 303 -12.36 -22.89 6.33
CA THR B 303 -11.38 -23.33 7.36
C THR B 303 -11.18 -22.31 8.49
N MET B 304 -12.00 -21.25 8.50
CA MET B 304 -11.87 -20.19 9.50
C MET B 304 -12.41 -20.51 10.90
N TYR B 305 -13.19 -21.59 11.07
CA TYR B 305 -13.81 -21.91 12.38
C TYR B 305 -12.80 -21.99 13.53
N PRO B 306 -13.08 -21.32 14.66
CA PRO B 306 -12.19 -21.57 15.81
C PRO B 306 -12.21 -23.05 16.20
N GLY B 307 -11.05 -23.59 16.60
CA GLY B 307 -10.95 -25.00 16.98
C GLY B 307 -10.65 -26.01 15.87
N ILE B 308 -10.70 -25.59 14.61
CA ILE B 308 -10.54 -26.54 13.47
C ILE B 308 -9.13 -27.20 13.39
N ALA B 309 -8.07 -26.44 13.64
CA ALA B 309 -6.68 -26.98 13.57
C ALA B 309 -6.34 -28.03 14.65
N ASP B 310 -6.79 -27.77 15.88
CA ASP B 310 -6.64 -28.70 17.00
C ASP B 310 -7.43 -30.01 16.77
N ARG B 311 -8.64 -29.90 16.19
CA ARG B 311 -9.42 -31.09 15.83
C ARG B 311 -8.77 -31.92 14.70
N MET B 312 -8.29 -31.24 13.66
CA MET B 312 -7.53 -31.91 12.58
C MET B 312 -6.30 -32.67 13.15
N GLN B 313 -5.51 -31.99 13.97
CA GLN B 313 -4.36 -32.59 14.66
C GLN B 313 -4.71 -33.89 15.39
N LYS B 314 -5.78 -33.84 16.18
CA LYS B 314 -6.24 -35.00 16.95
C LYS B 314 -6.67 -36.17 16.04
N GLU B 315 -7.44 -35.88 14.99
CA GLU B 315 -7.97 -36.95 14.11
C GLU B 315 -6.89 -37.61 13.22
N ILE B 316 -6.01 -36.81 12.66
CA ILE B 316 -4.92 -37.36 11.83
C ILE B 316 -3.96 -38.24 12.68
N THR B 317 -3.64 -37.77 13.89
CA THR B 317 -2.86 -38.58 14.85
C THR B 317 -3.45 -39.97 15.09
N ALA B 318 -4.78 -40.07 15.21
CA ALA B 318 -5.41 -41.38 15.43
C ALA B 318 -5.38 -42.32 14.22
N LEU B 319 -5.24 -41.75 13.01
CA LEU B 319 -5.17 -42.53 11.75
C LEU B 319 -3.72 -42.93 11.36
N ALA B 320 -2.77 -42.05 11.66
CA ALA B 320 -1.35 -42.20 11.23
C ALA B 320 -0.56 -43.19 12.10
N PRO B 321 0.64 -43.63 11.63
CA PRO B 321 1.45 -44.51 12.49
C PRO B 321 1.87 -43.81 13.79
N SER B 322 1.94 -44.57 14.88
CA SER B 322 2.19 -44.03 16.22
C SER B 322 3.48 -43.20 16.38
N THR B 323 4.47 -43.44 15.52
CA THR B 323 5.74 -42.70 15.57
C THR B 323 5.78 -41.46 14.67
N MET B 324 4.67 -41.17 13.99
CA MET B 324 4.63 -40.11 12.99
C MET B 324 4.50 -38.69 13.58
N LYS B 325 5.30 -37.77 13.06
CA LYS B 325 5.25 -36.37 13.42
C LYS B 325 4.16 -35.64 12.61
N ILE B 326 3.15 -35.11 13.29
CA ILE B 326 1.98 -34.47 12.67
C ILE B 326 1.98 -32.97 12.92
N LYS B 327 1.88 -32.16 11.86
CA LYS B 327 1.79 -30.70 12.02
C LYS B 327 0.76 -30.04 11.09
N ILE B 328 -0.24 -29.40 11.70
CA ILE B 328 -1.28 -28.65 10.99
C ILE B 328 -0.95 -27.16 11.03
N ILE B 329 -0.87 -26.52 9.86
CA ILE B 329 -0.59 -25.09 9.77
C ILE B 329 -1.86 -24.32 9.36
N ALA B 330 -2.26 -23.38 10.19
CA ALA B 330 -3.47 -22.57 9.93
C ALA B 330 -3.15 -21.08 9.93
N PRO B 331 -2.71 -20.54 8.78
CA PRO B 331 -2.31 -19.13 8.67
C PRO B 331 -3.48 -18.17 8.94
N PRO B 332 -3.19 -17.03 9.61
CA PRO B 332 -4.25 -16.08 10.00
C PRO B 332 -5.01 -15.49 8.81
N GLU B 333 -4.33 -15.33 7.68
CA GLU B 333 -4.98 -14.74 6.50
C GLU B 333 -5.51 -15.78 5.46
N ARG B 334 -5.78 -17.00 5.94
CA ARG B 334 -6.13 -18.10 5.04
C ARG B 334 -7.43 -17.95 4.26
N LYS B 335 -8.20 -16.92 4.58
CA LYS B 335 -9.42 -16.60 3.81
C LYS B 335 -9.10 -15.99 2.44
N TYR B 336 -7.89 -15.45 2.30
CA TYR B 336 -7.43 -14.87 1.03
C TYR B 336 -6.04 -15.39 0.57
N SER B 337 -5.61 -16.53 1.10
CA SER B 337 -4.26 -17.01 0.81
C SER B 337 -4.02 -17.46 -0.65
N VAL B 338 -5.11 -17.78 -1.37
CA VAL B 338 -5.00 -18.10 -2.79
C VAL B 338 -4.60 -16.83 -3.55
N TRP B 339 -5.37 -15.77 -3.36
CA TRP B 339 -5.07 -14.48 -3.96
C TRP B 339 -3.66 -13.95 -3.60
N ILE B 340 -3.30 -14.02 -2.32
CA ILE B 340 -1.99 -13.54 -1.86
C ILE B 340 -0.83 -14.35 -2.47
N GLY B 341 -1.06 -15.64 -2.71
CA GLY B 341 -0.07 -16.50 -3.39
C GLY B 341 0.18 -16.11 -4.85
N GLY B 342 -0.87 -15.67 -5.53
CA GLY B 342 -0.75 -15.21 -6.91
C GLY B 342 -0.02 -13.87 -6.99
N SER B 343 -0.33 -12.99 -6.04
CA SER B 343 0.30 -11.68 -5.92
C SER B 343 1.81 -11.80 -5.74
N ILE B 344 2.24 -12.73 -4.88
CA ILE B 344 3.65 -13.05 -4.69
C ILE B 344 4.28 -13.52 -6.01
N LEU B 345 3.64 -14.49 -6.67
CA LEU B 345 4.17 -15.09 -7.89
C LEU B 345 4.34 -14.09 -9.05
N ALA B 346 3.26 -13.36 -9.37
CA ALA B 346 3.27 -12.42 -10.49
C ALA B 346 4.12 -11.18 -10.20
N SER B 347 4.76 -11.14 -9.02
CA SER B 347 5.59 -10.02 -8.58
C SER B 347 7.08 -10.33 -8.66
N LEU B 348 7.42 -11.61 -8.65
CA LEU B 348 8.82 -12.03 -8.69
C LEU B 348 9.42 -11.78 -10.08
N SER B 349 10.57 -11.10 -10.12
CA SER B 349 11.22 -10.77 -11.40
C SER B 349 11.72 -12.04 -12.10
N THR B 350 11.91 -13.10 -11.32
CA THR B 350 12.29 -14.40 -11.88
C THR B 350 11.10 -15.18 -12.47
N PHE B 351 9.91 -14.57 -12.46
CA PHE B 351 8.69 -15.15 -13.06
C PHE B 351 8.38 -14.53 -14.43
N GLN B 352 8.98 -13.37 -14.70
CA GLN B 352 8.57 -12.51 -15.83
C GLN B 352 8.77 -13.08 -17.23
N GLN B 353 9.68 -14.05 -17.37
CA GLN B 353 9.92 -14.72 -18.65
C GLN B 353 9.10 -16.00 -18.78
N MET B 354 8.05 -16.11 -17.98
CA MET B 354 7.23 -17.32 -17.98
C MET B 354 5.78 -17.10 -18.39
N TRP B 355 5.39 -15.84 -18.57
CA TRP B 355 4.08 -15.50 -19.11
C TRP B 355 3.89 -16.09 -20.50
N ILE B 356 2.64 -16.36 -20.88
CA ILE B 356 2.28 -16.61 -22.28
C ILE B 356 2.08 -15.25 -22.93
N SER B 357 2.86 -14.96 -23.96
CA SER B 357 2.71 -13.70 -24.70
C SER B 357 1.66 -13.85 -25.79
N LYS B 358 1.13 -12.72 -26.26
CA LYS B 358 0.17 -12.71 -27.35
C LYS B 358 0.74 -13.17 -28.71
N GLN B 359 2.02 -12.87 -28.97
CA GLN B 359 2.70 -13.39 -30.18
C GLN B 359 2.81 -14.91 -30.15
N GLU B 360 3.12 -15.47 -28.97
CA GLU B 360 3.13 -16.92 -28.78
C GLU B 360 1.73 -17.51 -29.02
N TYR B 361 0.71 -16.81 -28.53
CA TYR B 361 -0.68 -17.23 -28.77
C TYR B 361 -1.02 -17.22 -30.26
N ASP B 362 -0.79 -16.08 -30.91
CA ASP B 362 -1.02 -15.90 -32.36
C ASP B 362 -0.43 -17.05 -33.20
N GLU B 363 0.69 -17.60 -32.75
CA GLU B 363 1.36 -18.71 -33.44
C GLU B 363 0.75 -20.08 -33.18
N SER B 364 0.51 -20.42 -31.91
CA SER B 364 0.16 -21.80 -31.53
C SER B 364 -1.31 -22.04 -31.16
N GLY B 365 -2.03 -20.99 -30.77
CA GLY B 365 -3.42 -21.15 -30.34
C GLY B 365 -3.60 -21.68 -28.93
N PRO B 366 -4.87 -21.89 -28.51
CA PRO B 366 -5.26 -22.17 -27.11
C PRO B 366 -4.51 -23.30 -26.42
N SER B 367 -4.14 -24.35 -27.16
CA SER B 367 -3.46 -25.50 -26.59
C SER B 367 -2.00 -25.25 -26.17
N ILE B 368 -1.50 -24.03 -26.39
CA ILE B 368 -0.19 -23.63 -25.85
C ILE B 368 -0.16 -23.68 -24.31
N VAL B 369 -1.33 -23.48 -23.70
CA VAL B 369 -1.48 -23.47 -22.24
C VAL B 369 -0.93 -24.73 -21.54
N HIS B 370 -1.08 -25.90 -22.17
CA HIS B 370 -0.68 -27.16 -21.56
C HIS B 370 0.85 -27.29 -21.35
N ARG B 371 1.64 -26.69 -22.24
CA ARG B 371 3.12 -26.75 -22.11
C ARG B 371 3.74 -25.54 -21.39
N LYS B 372 2.98 -24.46 -21.28
CA LYS B 372 3.47 -23.26 -20.59
C LYS B 372 3.04 -23.20 -19.11
N CYS B 373 1.81 -23.66 -18.83
CA CYS B 373 1.30 -23.69 -17.46
C CYS B 373 1.03 -25.14 -17.07
N PHE B 374 2.12 -25.81 -16.73
CA PHE B 374 2.15 -27.27 -16.65
C PHE B 374 1.92 -27.79 -15.22
N VAL C 4 14.10 -22.95 7.82
CA VAL C 4 13.41 -21.65 8.09
C VAL C 4 14.28 -20.68 8.91
N ALA C 5 13.97 -19.40 8.80
CA ALA C 5 14.76 -18.35 9.46
C ALA C 5 14.35 -18.14 10.91
N ALA C 6 15.36 -17.87 11.75
CA ALA C 6 15.13 -17.43 13.12
C ALA C 6 14.63 -15.97 13.14
N LEU C 7 14.10 -15.55 14.28
CA LEU C 7 13.65 -14.17 14.47
C LEU C 7 14.61 -13.44 15.40
N VAL C 8 14.89 -12.17 15.11
CA VAL C 8 15.74 -11.34 15.94
C VAL C 8 14.89 -10.20 16.53
N VAL C 9 14.83 -10.13 17.88
CA VAL C 9 14.04 -9.12 18.59
C VAL C 9 14.89 -8.34 19.60
N ASP C 10 14.97 -7.03 19.43
CA ASP C 10 15.76 -6.12 20.26
C ASP C 10 14.82 -5.11 20.92
N ASN C 11 14.58 -5.27 22.22
CA ASN C 11 13.66 -4.40 22.98
C ASN C 11 14.45 -3.33 23.75
N GLY C 12 14.08 -2.06 23.56
CA GLY C 12 14.73 -0.94 24.27
C GLY C 12 13.78 -0.11 25.12
N SER C 13 14.33 0.86 25.86
CA SER C 13 13.56 1.78 26.72
C SER C 13 12.59 2.64 25.92
N GLY C 14 13.01 3.03 24.71
CA GLY C 14 12.25 3.91 23.85
C GLY C 14 11.68 3.25 22.61
N MET C 15 12.48 2.42 21.92
CA MET C 15 12.10 1.77 20.64
C MET C 15 12.34 0.26 20.60
N CYS C 16 11.47 -0.45 19.88
CA CYS C 16 11.62 -1.89 19.61
C CYS C 16 11.94 -2.17 18.15
N LYS C 17 12.94 -3.03 17.90
CA LYS C 17 13.34 -3.40 16.54
C LYS C 17 13.19 -4.91 16.35
N ALA C 18 12.53 -5.32 15.28
CA ALA C 18 12.28 -6.75 15.00
C ALA C 18 12.35 -7.12 13.52
N GLY C 19 12.75 -8.36 13.23
CA GLY C 19 12.82 -8.87 11.86
C GLY C 19 13.40 -10.27 11.76
N PHE C 20 13.98 -10.59 10.60
CA PHE C 20 14.44 -11.94 10.26
C PHE C 20 15.96 -12.05 10.16
N ALA C 21 16.50 -13.12 10.75
CA ALA C 21 17.93 -13.39 10.69
C ALA C 21 18.37 -13.56 9.24
N GLY C 22 19.43 -12.86 8.86
CA GLY C 22 19.90 -12.87 7.48
C GLY C 22 19.65 -11.58 6.70
N ASP C 23 18.61 -10.85 7.10
CA ASP C 23 18.36 -9.53 6.52
C ASP C 23 19.38 -8.53 7.05
N ASP C 24 19.57 -7.43 6.32
CA ASP C 24 20.54 -6.40 6.73
C ASP C 24 19.91 -5.25 7.51
N ALA C 25 18.60 -5.34 7.74
CA ALA C 25 17.85 -4.33 8.49
C ALA C 25 16.57 -4.94 9.05
N PRO C 26 16.11 -4.44 10.22
CA PRO C 26 14.81 -4.85 10.76
C PRO C 26 13.66 -4.39 9.87
N ARG C 27 12.56 -5.14 9.87
CA ARG C 27 11.38 -4.80 9.07
C ARG C 27 10.38 -3.96 9.84
N ALA C 28 10.51 -3.99 11.17
CA ALA C 28 9.59 -3.26 12.04
C ALA C 28 10.34 -2.54 13.15
N VAL C 29 10.04 -1.24 13.29
CA VAL C 29 10.62 -0.36 14.31
C VAL C 29 9.47 0.47 14.89
N PHE C 30 9.20 0.32 16.18
CA PHE C 30 8.04 0.95 16.83
C PHE C 30 8.30 1.30 18.31
N PRO C 31 7.55 2.29 18.85
CA PRO C 31 7.70 2.75 20.23
C PRO C 31 7.32 1.71 21.28
N SER C 32 8.14 1.61 22.33
CA SER C 32 7.95 0.64 23.42
C SER C 32 6.94 1.17 24.41
N ILE C 33 5.69 1.27 23.95
CA ILE C 33 4.62 1.89 24.73
C ILE C 33 3.40 0.96 24.74
N VAL C 34 2.79 0.81 25.92
CA VAL C 34 1.53 0.05 26.07
C VAL C 34 0.45 0.95 26.65
N GLY C 35 -0.67 1.05 25.95
CA GLY C 35 -1.76 1.96 26.33
C GLY C 35 -3.02 1.23 26.77
N ARG C 36 -3.72 1.82 27.75
CA ARG C 36 -4.88 1.21 28.38
C ARG C 36 -5.93 2.26 28.76
N PRO C 37 -7.25 1.96 28.54
CA PRO C 37 -8.33 2.89 28.88
C PRO C 37 -8.22 3.50 30.28
N ARG C 38 -8.45 4.81 30.37
CA ARG C 38 -8.39 5.52 31.65
C ARG C 38 -9.55 5.11 32.56
N ASP C 50 -9.25 -2.90 24.68
CA ASP C 50 -8.71 -3.03 26.08
C ASP C 50 -7.24 -2.63 26.22
N SER C 51 -6.47 -2.78 25.13
CA SER C 51 -5.04 -2.45 25.13
C SER C 51 -4.49 -2.16 23.74
N TYR C 52 -3.66 -1.13 23.64
CA TYR C 52 -2.99 -0.76 22.38
C TYR C 52 -1.47 -0.77 22.55
N VAL C 53 -0.75 -1.10 21.48
CA VAL C 53 0.71 -1.19 21.50
C VAL C 53 1.36 -0.39 20.36
N GLY C 54 2.41 0.35 20.69
CA GLY C 54 3.24 1.02 19.69
C GLY C 54 2.67 2.31 19.12
N ASP C 55 2.68 2.43 17.79
CA ASP C 55 2.24 3.65 17.12
C ASP C 55 0.77 3.97 17.37
N GLU C 56 -0.07 2.94 17.31
CA GLU C 56 -1.50 3.05 17.64
C GLU C 56 -1.73 3.65 19.03
N ALA C 57 -0.95 3.18 20.01
CA ALA C 57 -1.07 3.65 21.40
C ALA C 57 -0.76 5.14 21.54
N GLN C 58 0.27 5.59 20.83
CA GLN C 58 0.71 6.98 20.87
C GLN C 58 -0.30 7.93 20.24
N SER C 59 -0.79 7.59 19.06
CA SER C 59 -1.76 8.43 18.35
C SER C 59 -3.10 8.51 19.10
N LYS C 60 -3.41 7.46 19.87
CA LYS C 60 -4.67 7.37 20.60
C LYS C 60 -4.52 7.68 22.09
N ARG C 61 -3.42 8.33 22.45
CA ARG C 61 -3.08 8.62 23.86
C ARG C 61 -4.09 9.49 24.61
N GLY C 62 -4.97 10.17 23.88
CA GLY C 62 -5.97 11.06 24.48
C GLY C 62 -6.97 10.35 25.38
N ILE C 63 -7.31 9.12 25.01
CA ILE C 63 -8.27 8.32 25.77
C ILE C 63 -7.60 7.21 26.60
N LEU C 64 -6.27 7.17 26.59
CA LEU C 64 -5.52 6.06 27.21
C LEU C 64 -4.61 6.47 28.36
N THR C 65 -4.23 5.47 29.17
CA THR C 65 -3.16 5.57 30.17
C THR C 65 -1.95 4.83 29.59
N LEU C 66 -0.81 5.54 29.49
CA LEU C 66 0.39 4.96 28.87
C LEU C 66 1.40 4.45 29.88
N LYS C 67 2.00 3.30 29.57
CA LYS C 67 3.11 2.75 30.35
C LYS C 67 4.31 2.44 29.46
N TYR C 68 5.50 2.50 30.06
CA TYR C 68 6.74 2.15 29.41
C TYR C 68 7.34 1.00 30.22
N PRO C 69 7.18 -0.25 29.73
CA PRO C 69 7.55 -1.45 30.50
C PRO C 69 9.05 -1.65 30.71
N ILE C 70 9.88 -0.97 29.91
CA ILE C 70 11.33 -1.07 30.02
C ILE C 70 11.91 0.27 30.52
N GLU C 71 12.53 0.24 31.70
CA GLU C 71 13.10 1.43 32.35
C GLU C 71 14.62 1.33 32.48
N HIS C 72 15.32 2.30 31.90
CA HIS C 72 16.79 2.29 31.84
C HIS C 72 17.34 0.94 31.37
N GLY C 73 16.68 0.32 30.39
CA GLY C 73 17.11 -0.97 29.82
C GLY C 73 16.57 -2.24 30.47
N ILE C 74 16.00 -2.11 31.67
CA ILE C 74 15.53 -3.26 32.49
C ILE C 74 14.00 -3.36 32.44
N VAL C 75 13.49 -4.56 32.17
CA VAL C 75 12.03 -4.82 32.15
C VAL C 75 11.48 -4.71 33.58
N THR C 76 10.47 -3.87 33.78
CA THR C 76 9.90 -3.67 35.12
C THR C 76 8.42 -4.07 35.27
N ASN C 77 7.73 -4.33 34.17
CA ASN C 77 6.31 -4.67 34.17
C ASN C 77 6.07 -5.81 33.18
N TRP C 78 5.88 -7.02 33.70
CA TRP C 78 5.90 -8.25 32.89
C TRP C 78 4.63 -8.53 32.08
N ASP C 79 3.48 -8.15 32.64
CA ASP C 79 2.22 -8.20 31.90
C ASP C 79 2.30 -7.40 30.59
N ASP C 80 2.81 -6.17 30.68
CA ASP C 80 2.90 -5.27 29.52
C ASP C 80 4.00 -5.69 28.53
N MET C 81 5.09 -6.25 29.04
CA MET C 81 6.17 -6.78 28.19
C MET C 81 5.65 -7.92 27.31
N GLU C 82 4.79 -8.76 27.87
CA GLU C 82 4.15 -9.85 27.12
C GLU C 82 3.26 -9.32 26.00
N LYS C 83 2.54 -8.24 26.28
CA LYS C 83 1.69 -7.57 25.31
C LYS C 83 2.50 -7.05 24.10
N ILE C 84 3.68 -6.47 24.37
CA ILE C 84 4.58 -6.02 23.30
C ILE C 84 5.07 -7.17 22.42
N TRP C 85 5.39 -8.30 23.06
CA TRP C 85 5.84 -9.50 22.34
C TRP C 85 4.74 -10.11 21.46
N HIS C 86 3.52 -10.17 21.96
CA HIS C 86 2.36 -10.64 21.19
C HIS C 86 2.19 -9.77 19.92
N HIS C 87 2.28 -8.45 20.12
CA HIS C 87 2.22 -7.46 19.06
C HIS C 87 3.36 -7.61 18.03
N THR C 88 4.56 -7.88 18.53
CA THR C 88 5.71 -8.08 17.65
C THR C 88 5.48 -9.26 16.70
N PHE C 89 5.06 -10.40 17.24
CA PHE C 89 4.85 -11.61 16.42
C PHE C 89 3.63 -11.52 15.49
N TYR C 90 2.47 -11.21 16.05
CA TYR C 90 1.21 -11.35 15.33
C TYR C 90 0.88 -10.20 14.39
N ASN C 91 1.15 -8.97 14.82
CA ASN C 91 0.77 -7.77 14.05
C ASN C 91 1.88 -7.16 13.19
N GLU C 92 3.13 -7.25 13.67
CA GLU C 92 4.24 -6.56 13.02
C GLU C 92 4.98 -7.46 12.01
N LEU C 93 5.39 -8.64 12.46
CA LEU C 93 6.08 -9.57 11.61
C LEU C 93 5.11 -10.51 10.87
N ARG C 94 3.91 -10.68 11.43
CA ARG C 94 2.87 -11.58 10.91
C ARG C 94 3.35 -13.04 10.84
N VAL C 95 3.81 -13.56 11.98
CA VAL C 95 4.35 -14.91 12.08
C VAL C 95 3.73 -15.71 13.24
N ALA C 96 3.95 -17.03 13.23
CA ALA C 96 3.56 -17.89 14.33
C ALA C 96 4.81 -18.26 15.12
N PRO C 97 4.88 -17.84 16.40
CA PRO C 97 6.12 -18.02 17.18
C PRO C 97 6.55 -19.48 17.33
N GLU C 98 5.58 -20.40 17.38
CA GLU C 98 5.88 -21.83 17.54
C GLU C 98 6.61 -22.45 16.34
N GLU C 99 6.76 -21.67 15.26
CA GLU C 99 7.39 -22.12 14.02
C GLU C 99 8.85 -21.67 13.86
N HIS C 100 9.32 -20.80 14.78
CA HIS C 100 10.59 -20.14 14.61
C HIS C 100 11.42 -20.10 15.90
N PRO C 101 12.74 -20.36 15.79
CA PRO C 101 13.67 -20.04 16.87
C PRO C 101 13.74 -18.52 17.05
N VAL C 102 13.98 -18.06 18.28
CA VAL C 102 13.91 -16.63 18.59
C VAL C 102 15.10 -16.16 19.40
N LEU C 103 15.89 -15.24 18.81
CA LEU C 103 17.00 -14.57 19.50
C LEU C 103 16.50 -13.27 20.12
N LEU C 104 16.62 -13.14 21.44
CA LEU C 104 16.24 -11.93 22.17
C LEU C 104 17.49 -11.24 22.68
N THR C 105 17.39 -9.94 22.98
CA THR C 105 18.52 -9.17 23.49
C THR C 105 18.27 -8.71 24.94
N GLU C 106 19.33 -8.49 25.72
CA GLU C 106 19.19 -8.02 27.10
C GLU C 106 20.21 -6.94 27.44
N ALA C 107 19.91 -6.15 28.48
CA ALA C 107 20.84 -5.16 29.01
C ALA C 107 22.07 -5.79 29.67
N PRO C 108 23.21 -5.09 29.66
CA PRO C 108 24.34 -5.50 30.52
C PRO C 108 23.91 -5.54 32.00
N LEU C 109 24.45 -6.52 32.72
CA LEU C 109 24.15 -6.77 34.14
C LEU C 109 22.66 -6.93 34.46
N ASN C 110 21.90 -7.48 33.52
CA ASN C 110 20.49 -7.85 33.74
C ASN C 110 20.39 -8.85 34.91
N PRO C 111 19.55 -8.54 35.93
CA PRO C 111 19.44 -9.43 37.10
C PRO C 111 19.09 -10.87 36.72
N LYS C 112 19.70 -11.81 37.44
CA LYS C 112 19.53 -13.25 37.21
C LYS C 112 18.06 -13.66 37.06
N ALA C 113 17.20 -13.15 37.95
CA ALA C 113 15.77 -13.48 37.95
C ALA C 113 15.02 -13.03 36.69
N ASN C 114 15.48 -11.94 36.09
CA ASN C 114 14.88 -11.38 34.88
C ASN C 114 15.12 -12.27 33.66
N ARG C 115 16.35 -12.79 33.54
CA ARG C 115 16.72 -13.73 32.46
C ARG C 115 15.85 -14.97 32.49
N GLU C 116 15.60 -15.49 33.69
CA GLU C 116 14.78 -16.70 33.89
C GLU C 116 13.32 -16.48 33.47
N LYS C 117 12.78 -15.30 33.79
CA LYS C 117 11.37 -14.99 33.47
C LYS C 117 11.14 -14.80 31.97
N MET C 118 12.04 -14.06 31.31
CA MET C 118 12.13 -13.95 29.85
C MET C 118 12.06 -15.34 29.19
N THR C 119 12.85 -16.26 29.72
CA THR C 119 12.97 -17.64 29.23
C THR C 119 11.68 -18.43 29.43
N GLN C 120 11.08 -18.29 30.62
CA GLN C 120 9.80 -18.93 30.94
C GLN C 120 8.68 -18.50 29.99
N ILE C 121 8.62 -17.21 29.67
CA ILE C 121 7.54 -16.68 28.83
C ILE C 121 7.61 -17.14 27.36
N MET C 122 8.83 -17.19 26.80
CA MET C 122 9.00 -17.64 25.42
C MET C 122 8.52 -19.09 25.20
N PHE C 123 8.89 -19.98 26.13
CA PHE C 123 8.56 -21.41 26.02
C PHE C 123 7.15 -21.78 26.50
N GLU C 124 6.71 -21.19 27.60
CA GLU C 124 5.41 -21.57 28.17
C GLU C 124 4.23 -20.78 27.64
N THR C 125 4.45 -19.53 27.23
CA THR C 125 3.39 -18.69 26.67
C THR C 125 3.36 -18.71 25.14
N PHE C 126 4.53 -18.67 24.51
CA PHE C 126 4.59 -18.58 23.05
C PHE C 126 4.99 -19.89 22.36
N ASN C 127 5.40 -20.89 23.14
CA ASN C 127 5.74 -22.23 22.65
C ASN C 127 6.84 -22.24 21.58
N THR C 128 7.86 -21.38 21.78
CA THR C 128 8.94 -21.30 20.82
C THR C 128 9.70 -22.64 20.82
N PRO C 129 10.04 -23.16 19.63
CA PRO C 129 10.77 -24.43 19.59
C PRO C 129 12.21 -24.29 20.09
N ALA C 130 12.74 -23.07 20.00
CA ALA C 130 14.11 -22.74 20.42
C ALA C 130 14.22 -21.24 20.74
N MET C 131 15.19 -20.89 21.60
CA MET C 131 15.49 -19.50 21.94
C MET C 131 16.89 -19.33 22.50
N TYR C 132 17.34 -18.07 22.50
CA TYR C 132 18.63 -17.67 23.04
C TYR C 132 18.51 -16.20 23.47
N VAL C 133 19.39 -15.78 24.39
CA VAL C 133 19.43 -14.39 24.86
C VAL C 133 20.89 -13.90 24.87
N ALA C 134 21.13 -12.76 24.21
CA ALA C 134 22.48 -12.17 24.13
C ALA C 134 22.54 -10.71 24.62
N ILE C 135 23.71 -10.30 25.12
CA ILE C 135 23.92 -8.94 25.62
C ILE C 135 24.03 -7.93 24.45
N GLN C 136 23.24 -6.84 24.55
CA GLN C 136 23.14 -5.81 23.49
C GLN C 136 24.50 -5.30 22.99
N ALA C 137 25.36 -4.88 23.92
CA ALA C 137 26.68 -4.32 23.59
C ALA C 137 27.59 -5.30 22.83
N VAL C 138 27.49 -6.58 23.18
CA VAL C 138 28.31 -7.63 22.56
C VAL C 138 27.93 -7.86 21.10
N LEU C 139 26.63 -7.85 20.82
CA LEU C 139 26.11 -7.93 19.45
C LEU C 139 26.61 -6.79 18.55
N SER C 140 26.66 -5.57 19.09
CA SER C 140 27.20 -4.42 18.34
C SER C 140 28.67 -4.63 17.99
N LEU C 141 29.45 -5.10 18.97
CA LEU C 141 30.86 -5.40 18.70
C LEU C 141 30.98 -6.42 17.55
N TYR C 142 30.14 -7.45 17.58
CA TYR C 142 30.13 -8.47 16.52
C TYR C 142 29.87 -7.83 15.17
N ALA C 143 28.88 -6.94 15.10
CA ALA C 143 28.50 -6.26 13.85
C ALA C 143 29.66 -5.50 13.18
N SER C 144 30.63 -5.08 14.00
CA SER C 144 31.81 -4.37 13.50
C SER C 144 32.96 -5.33 13.15
N GLY C 145 32.69 -6.63 13.23
CA GLY C 145 33.67 -7.66 12.90
C GLY C 145 34.76 -7.85 13.94
N ARG C 146 34.43 -7.59 15.20
CA ARG C 146 35.41 -7.70 16.30
C ARG C 146 34.89 -8.63 17.39
N THR C 147 35.80 -9.26 18.13
CA THR C 147 35.42 -10.04 19.32
C THR C 147 36.13 -9.54 20.60
N THR C 148 37.03 -8.57 20.43
CA THR C 148 37.65 -7.87 21.56
C THR C 148 37.58 -6.34 21.37
N GLY C 149 37.16 -5.63 22.43
CA GLY C 149 37.03 -4.16 22.45
C GLY C 149 36.11 -3.63 23.56
N ILE C 150 36.00 -2.30 23.67
CA ILE C 150 35.06 -1.70 24.61
C ILE C 150 33.97 -0.88 23.88
N VAL C 151 32.71 -1.14 24.21
CA VAL C 151 31.55 -0.52 23.55
C VAL C 151 30.89 0.55 24.43
N LEU C 152 30.65 1.74 23.88
CA LEU C 152 29.79 2.74 24.52
C LEU C 152 28.41 2.73 23.83
N ASP C 153 27.37 2.30 24.56
CA ASP C 153 26.01 2.17 24.03
C ASP C 153 25.11 3.18 24.72
N SER C 154 24.65 4.18 23.96
CA SER C 154 23.77 5.22 24.51
C SER C 154 22.48 5.27 23.71
N GLY C 155 21.36 5.00 24.38
CA GLY C 155 20.05 4.91 23.74
C GLY C 155 19.08 6.02 24.11
N ASP C 156 17.84 5.66 24.47
CA ASP C 156 16.80 6.62 24.91
C ASP C 156 16.79 6.81 26.44
N GLY C 157 17.09 5.76 27.19
CA GLY C 157 17.01 5.82 28.66
C GLY C 157 18.26 5.53 29.48
N VAL C 158 19.27 4.91 28.86
CA VAL C 158 20.51 4.55 29.58
C VAL C 158 21.76 4.56 28.69
N SER C 159 22.92 4.88 29.29
CA SER C 159 24.23 4.75 28.64
C SER C 159 25.12 3.76 29.43
N HIS C 160 25.66 2.75 28.76
CA HIS C 160 26.56 1.75 29.37
C HIS C 160 27.95 1.80 28.71
N THR C 161 29.02 1.51 29.48
CA THR C 161 30.35 1.20 28.91
C THR C 161 30.72 -0.24 29.27
N VAL C 162 31.01 -1.06 28.26
CA VAL C 162 31.10 -2.53 28.37
C VAL C 162 32.40 -3.09 27.75
N PRO C 163 33.41 -3.39 28.59
CA PRO C 163 34.61 -4.12 28.15
C PRO C 163 34.32 -5.59 27.80
N ILE C 164 34.82 -6.03 26.64
CA ILE C 164 34.58 -7.37 26.09
C ILE C 164 35.91 -8.01 25.64
N TYR C 165 36.12 -9.28 26.02
CA TYR C 165 37.35 -10.00 25.69
C TYR C 165 37.03 -11.40 25.15
N GLU C 166 37.39 -11.62 23.89
CA GLU C 166 37.13 -12.88 23.17
C GLU C 166 35.66 -13.33 23.24
N GLY C 167 34.76 -12.37 23.07
CA GLY C 167 33.32 -12.66 23.05
C GLY C 167 32.63 -12.58 24.39
N TYR C 168 33.41 -12.38 25.46
CA TYR C 168 32.87 -12.33 26.82
C TYR C 168 32.91 -10.92 27.42
N ALA C 169 31.76 -10.41 27.85
CA ALA C 169 31.69 -9.15 28.60
C ALA C 169 32.27 -9.34 30.00
N LEU C 170 32.97 -8.33 30.51
CA LEU C 170 33.61 -8.40 31.83
C LEU C 170 32.79 -7.63 32.89
N PRO C 171 31.98 -8.36 33.70
CA PRO C 171 30.95 -7.74 34.57
C PRO C 171 31.50 -6.77 35.62
N HIS C 172 32.68 -7.08 36.15
CA HIS C 172 33.33 -6.26 37.16
C HIS C 172 33.75 -4.86 36.66
N ALA C 173 33.82 -4.69 35.35
CA ALA C 173 34.30 -3.43 34.75
C ALA C 173 33.20 -2.66 33.99
N ILE C 174 31.97 -3.15 34.05
CA ILE C 174 30.84 -2.47 33.40
C ILE C 174 30.37 -1.26 34.23
N LEU C 175 30.10 -0.13 33.56
CA LEU C 175 29.57 1.07 34.24
C LEU C 175 28.25 1.55 33.61
N ARG C 176 27.37 2.11 34.45
CA ARG C 176 26.01 2.54 34.04
C ARG C 176 25.78 4.01 34.36
N LEU C 177 25.25 4.77 33.38
CA LEU C 177 24.90 6.18 33.55
C LEU C 177 23.48 6.45 33.02
N ASP C 178 22.57 6.86 33.93
CA ASP C 178 21.18 7.15 33.53
C ASP C 178 21.03 8.57 32.96
N LEU C 179 21.66 8.80 31.82
CA LEU C 179 21.59 10.05 31.06
C LEU C 179 21.70 9.67 29.60
N ALA C 180 20.61 9.86 28.85
CA ALA C 180 20.54 9.51 27.45
C ALA C 180 19.54 10.40 26.66
N GLY C 181 18.98 9.86 25.57
CA GLY C 181 18.26 10.67 24.59
C GLY C 181 17.04 11.39 25.12
N ARG C 182 16.29 10.74 26.00
CA ARG C 182 15.07 11.31 26.57
C ARG C 182 15.39 12.52 27.45
N ASP C 183 16.47 12.43 28.23
CA ASP C 183 17.02 13.54 29.03
C ASP C 183 17.47 14.74 28.17
N LEU C 184 18.10 14.45 27.03
CA LEU C 184 18.54 15.51 26.11
C LEU C 184 17.36 16.25 25.45
N THR C 185 16.32 15.50 25.09
CA THR C 185 15.10 16.11 24.52
C THR C 185 14.47 17.08 25.50
N ASP C 186 14.28 16.64 26.75
CA ASP C 186 13.68 17.47 27.80
C ASP C 186 14.50 18.74 28.06
N TYR C 187 15.82 18.61 28.05
CA TYR C 187 16.74 19.73 28.25
C TYR C 187 16.68 20.76 27.10
N LEU C 188 16.49 20.28 25.87
CA LEU C 188 16.33 21.17 24.72
C LEU C 188 15.00 21.96 24.79
N MET C 189 13.92 21.32 25.26
CA MET C 189 12.63 22.01 25.51
C MET C 189 12.84 23.18 26.46
N LYS C 190 13.59 22.93 27.54
CA LYS C 190 13.86 23.92 28.56
C LYS C 190 14.63 25.16 28.05
N ILE C 191 15.76 24.94 27.36
CA ILE C 191 16.61 26.05 26.94
C ILE C 191 16.09 26.86 25.73
N LEU C 192 15.28 26.22 24.89
CA LEU C 192 14.60 26.92 23.80
C LEU C 192 13.54 27.88 24.35
N THR C 193 12.98 27.49 25.48
CA THR C 193 11.96 28.26 26.17
C THR C 193 12.60 29.48 26.81
N GLU C 194 13.84 29.28 27.26
CA GLU C 194 14.65 30.40 27.74
C GLU C 194 15.17 31.32 26.61
N ARG C 195 14.80 31.01 25.36
CA ARG C 195 15.12 31.87 24.20
C ARG C 195 13.90 32.64 23.68
N GLY C 196 12.71 32.27 24.15
CA GLY C 196 11.46 32.94 23.77
C GLY C 196 10.35 32.01 23.30
N TYR C 197 10.71 30.79 22.90
CA TYR C 197 9.72 29.84 22.43
C TYR C 197 9.02 29.15 23.61
N SER C 198 7.90 28.48 23.36
CA SER C 198 7.19 27.77 24.43
C SER C 198 6.81 26.33 24.05
N PHE C 199 7.73 25.40 24.26
CA PHE C 199 7.46 23.99 24.01
C PHE C 199 7.29 23.29 25.36
N THR C 200 6.07 22.84 25.65
CA THR C 200 5.74 22.22 26.95
C THR C 200 4.83 20.98 26.91
N THR C 201 3.99 20.85 25.88
CA THR C 201 3.02 19.73 25.83
C THR C 201 3.61 18.43 25.27
N THR C 202 2.84 17.34 25.36
CA THR C 202 3.27 16.02 24.89
C THR C 202 3.54 15.95 23.38
N GLU C 203 2.68 16.58 22.57
CA GLU C 203 2.94 16.62 21.13
C GLU C 203 4.06 17.61 20.75
N GLU C 204 4.26 18.64 21.58
CA GLU C 204 5.38 19.58 21.43
C GLU C 204 6.72 18.90 21.76
N ARG C 205 6.72 17.97 22.71
CA ARG C 205 7.90 17.17 23.02
C ARG C 205 8.41 16.39 21.80
N GLU C 206 7.47 15.90 20.99
CA GLU C 206 7.81 15.12 19.79
C GLU C 206 8.38 15.97 18.66
N ILE C 207 7.93 17.22 18.57
CA ILE C 207 8.49 18.18 17.63
C ILE C 207 9.94 18.51 17.98
N VAL C 208 10.19 18.75 19.27
CA VAL C 208 11.55 19.09 19.75
C VAL C 208 12.53 17.91 19.57
N ARG C 209 12.04 16.68 19.71
CA ARG C 209 12.84 15.48 19.45
C ARG C 209 13.31 15.47 17.99
N ASP C 210 12.41 15.82 17.06
CA ASP C 210 12.79 15.99 15.67
C ASP C 210 13.86 17.10 15.48
N ILE C 211 13.64 18.28 16.08
CA ILE C 211 14.63 19.37 16.01
C ILE C 211 16.02 18.87 16.49
N LYS C 212 16.03 18.17 17.61
CA LYS C 212 17.25 17.60 18.17
C LYS C 212 17.97 16.72 17.16
N GLU C 213 17.23 15.78 16.55
CA GLU C 213 17.81 14.80 15.63
C GLU C 213 18.30 15.41 14.30
N LYS C 214 17.73 16.55 13.91
CA LYS C 214 18.08 17.19 12.63
C LYS C 214 19.18 18.26 12.70
N LEU C 215 19.25 19.01 13.79
CA LEU C 215 20.12 20.19 13.87
C LEU C 215 21.23 20.19 14.96
N CYS C 216 21.17 19.28 15.93
CA CYS C 216 22.12 19.31 17.05
C CYS C 216 23.47 18.66 16.64
N TYR C 217 24.56 19.06 17.31
CA TYR C 217 25.90 18.50 17.06
C TYR C 217 26.78 18.65 18.30
N VAL C 218 27.90 17.91 18.34
CA VAL C 218 28.86 18.02 19.44
C VAL C 218 30.06 18.88 19.01
N ALA C 219 30.31 19.94 19.79
CA ALA C 219 31.47 20.82 19.60
C ALA C 219 32.79 20.13 19.98
N LEU C 220 33.86 20.44 19.25
CA LEU C 220 35.21 19.92 19.57
C LEU C 220 35.79 20.56 20.83
N ASP C 221 35.65 21.89 20.95
CA ASP C 221 36.05 22.68 22.13
C ASP C 221 34.85 23.54 22.53
N PHE C 222 34.17 23.14 23.62
CA PHE C 222 32.91 23.81 24.03
C PHE C 222 33.02 25.32 24.28
N GLU C 223 34.04 25.73 25.05
CA GLU C 223 34.21 27.15 25.42
C GLU C 223 34.42 28.03 24.17
N GLN C 224 35.21 27.53 23.24
CA GLN C 224 35.52 28.24 22.01
C GLN C 224 34.29 28.37 21.09
N GLU C 225 33.48 27.31 21.06
CA GLU C 225 32.24 27.29 20.27
C GLU C 225 31.22 28.30 20.83
N MET C 226 31.13 28.39 22.16
CA MET C 226 30.29 29.42 22.81
C MET C 226 30.70 30.85 22.40
N ALA C 227 32.01 31.09 22.28
CA ALA C 227 32.56 32.39 21.87
C ALA C 227 32.24 32.72 20.40
N THR C 228 32.33 31.71 19.53
CA THR C 228 31.94 31.84 18.12
C THR C 228 30.46 32.23 17.98
N ALA C 229 29.60 31.58 18.76
CA ALA C 229 28.16 31.82 18.66
C ALA C 229 27.76 33.20 19.22
N ALA C 230 28.55 33.72 20.15
CA ALA C 230 28.31 35.04 20.75
C ALA C 230 28.80 36.23 19.90
N SER C 231 29.68 35.97 18.94
CA SER C 231 30.26 37.05 18.11
C SER C 231 29.65 37.21 16.71
N SER C 232 28.93 36.21 16.22
CA SER C 232 28.27 36.25 14.89
C SER C 232 27.14 35.22 14.79
N SER C 233 26.40 35.23 13.68
CA SER C 233 25.32 34.25 13.47
C SER C 233 25.72 33.07 12.56
N SER C 234 27.02 32.85 12.43
CA SER C 234 27.56 31.81 11.53
C SER C 234 27.11 30.38 11.85
N LEU C 235 26.70 30.13 13.09
CA LEU C 235 26.28 28.77 13.49
C LEU C 235 24.75 28.54 13.55
N GLU C 236 23.97 29.55 13.19
CA GLU C 236 22.51 29.48 13.27
C GLU C 236 21.88 28.62 12.17
N LYS C 237 20.84 27.86 12.50
CA LYS C 237 20.05 27.09 11.53
C LYS C 237 18.55 27.34 11.77
N SER C 238 17.75 27.26 10.70
CA SER C 238 16.29 27.43 10.80
C SER C 238 15.50 26.11 10.68
N TYR C 239 14.26 26.14 11.17
CA TYR C 239 13.40 24.95 11.21
C TYR C 239 11.95 25.40 11.04
N GLU C 240 11.25 24.77 10.09
CA GLU C 240 9.86 25.09 9.79
C GLU C 240 8.88 24.13 10.51
N LEU C 241 7.95 24.71 11.26
CA LEU C 241 6.88 23.96 11.93
C LEU C 241 5.73 23.63 10.96
N LYS C 242 4.88 22.66 11.34
CA LYS C 242 3.75 22.19 10.50
C LYS C 242 2.89 23.30 9.92
N ASP C 243 2.67 24.37 10.69
CA ASP C 243 1.77 25.45 10.30
C ASP C 243 2.47 26.60 9.57
N GLY C 244 3.78 26.45 9.33
CA GLY C 244 4.52 27.40 8.52
C GLY C 244 5.36 28.42 9.26
N GLN C 245 5.30 28.44 10.59
CA GLN C 245 6.20 29.30 11.38
C GLN C 245 7.64 28.80 11.30
N VAL C 246 8.59 29.70 11.04
CA VAL C 246 10.02 29.37 11.00
C VAL C 246 10.68 29.81 12.31
N ILE C 247 11.35 28.88 12.99
CA ILE C 247 12.13 29.24 14.18
C ILE C 247 13.64 29.16 13.93
N THR C 248 14.43 29.83 14.78
CA THR C 248 15.88 29.86 14.63
C THR C 248 16.59 29.40 15.91
N ILE C 249 17.66 28.63 15.73
CA ILE C 249 18.42 28.00 16.82
C ILE C 249 19.93 28.29 16.65
N GLY C 250 20.59 28.70 17.74
CA GLY C 250 22.02 29.04 17.72
C GLY C 250 22.86 28.12 18.60
N ASN C 251 23.32 28.65 19.75
CA ASN C 251 24.16 27.84 20.66
C ASN C 251 23.43 26.61 21.26
N GLU C 252 22.09 26.64 21.27
CA GLU C 252 21.29 25.47 21.67
C GLU C 252 21.65 24.18 20.90
N ARG C 253 22.10 24.34 19.65
CA ARG C 253 22.51 23.22 18.77
C ARG C 253 23.57 22.30 19.43
N PHE C 254 24.52 22.90 20.14
CA PHE C 254 25.62 22.12 20.77
C PHE C 254 25.58 22.10 22.32
N ARG C 255 24.82 23.01 22.91
CA ARG C 255 24.64 23.00 24.37
C ARG C 255 23.86 21.76 24.82
N CYS C 256 22.92 21.32 23.99
CA CYS C 256 22.08 20.13 24.31
C CYS C 256 22.88 18.83 24.44
N PRO C 257 23.62 18.40 23.37
CA PRO C 257 24.45 17.18 23.56
C PRO C 257 25.69 17.33 24.48
N GLU C 258 26.04 18.57 24.81
CA GLU C 258 27.14 18.82 25.76
C GLU C 258 26.89 18.20 27.14
N ALA C 259 25.62 18.01 27.50
CA ALA C 259 25.27 17.35 28.77
C ALA C 259 25.80 15.90 28.90
N LEU C 260 26.08 15.24 27.77
CA LEU C 260 26.70 13.90 27.78
C LEU C 260 28.12 13.96 28.34
N PHE C 261 28.79 15.09 28.11
CA PHE C 261 30.14 15.30 28.59
C PHE C 261 30.20 16.03 29.94
N GLN C 262 29.14 16.81 30.25
CA GLN C 262 29.05 17.44 31.57
C GLN C 262 27.67 17.27 32.23
N PRO C 263 27.48 16.15 32.96
CA PRO C 263 26.18 15.88 33.59
C PRO C 263 25.68 16.96 34.56
N SER C 264 26.60 17.84 34.96
CA SER C 264 26.30 19.02 35.77
C SER C 264 25.19 19.91 35.17
N PHE C 265 25.10 19.94 33.85
CA PHE C 265 24.06 20.72 33.15
C PHE C 265 22.64 20.33 33.56
N LEU C 266 22.49 19.07 33.97
CA LEU C 266 21.21 18.51 34.35
C LEU C 266 21.07 18.31 35.88
N GLY C 267 21.99 18.90 36.63
CA GLY C 267 22.03 18.77 38.09
C GLY C 267 22.53 17.43 38.64
N MET C 268 23.25 16.67 37.81
CA MET C 268 23.83 15.38 38.22
C MET C 268 25.28 15.51 38.67
N GLU C 269 25.62 14.83 39.77
CA GLU C 269 27.00 14.70 40.22
C GLU C 269 27.58 13.41 39.64
N ALA C 270 28.04 13.46 38.41
CA ALA C 270 28.52 12.26 37.70
C ALA C 270 29.57 12.60 36.66
N CYS C 271 30.40 11.61 36.31
CA CYS C 271 31.38 11.69 35.22
C CYS C 271 30.65 11.64 33.89
N GLY C 272 31.16 12.39 32.90
CA GLY C 272 30.67 12.30 31.52
C GLY C 272 31.07 11.03 30.79
N ILE C 273 30.50 10.82 29.60
CA ILE C 273 30.72 9.58 28.82
C ILE C 273 32.20 9.27 28.50
N HIS C 274 33.03 10.30 28.31
CA HIS C 274 34.47 10.14 28.08
C HIS C 274 35.22 9.57 29.30
N GLU C 275 34.96 10.15 30.48
CA GLU C 275 35.61 9.73 31.71
C GLU C 275 35.10 8.37 32.20
N THR C 276 33.82 8.07 31.90
CA THR C 276 33.22 6.76 32.18
C THR C 276 33.88 5.64 31.36
N THR C 277 34.16 5.91 30.08
CA THR C 277 34.87 4.95 29.21
C THR C 277 36.29 4.66 29.75
N TYR C 278 37.02 5.71 30.12
CA TYR C 278 38.36 5.59 30.71
C TYR C 278 38.35 4.81 32.03
N ASN C 279 37.42 5.15 32.92
CA ASN C 279 37.23 4.43 34.19
C ASN C 279 36.96 2.91 34.04
N SER C 280 36.21 2.51 33.01
CA SER C 280 35.98 1.09 32.72
C SER C 280 37.26 0.36 32.31
N ILE C 281 38.01 0.95 31.36
CA ILE C 281 39.29 0.38 30.91
C ILE C 281 40.26 0.18 32.09
N MET C 282 40.33 1.16 32.97
CA MET C 282 41.23 1.13 34.12
C MET C 282 40.88 0.07 35.19
N LYS C 283 39.66 -0.47 35.13
CA LYS C 283 39.24 -1.58 35.99
C LYS C 283 39.63 -2.94 35.43
N CYS C 284 40.14 -2.96 34.20
CA CYS C 284 40.51 -4.20 33.52
C CYS C 284 41.99 -4.55 33.75
N ASP C 285 42.31 -5.84 33.55
CA ASP C 285 43.69 -6.36 33.61
C ASP C 285 44.62 -5.50 32.75
N VAL C 286 45.69 -5.00 33.36
CA VAL C 286 46.70 -4.14 32.70
C VAL C 286 47.15 -4.67 31.32
N ASP C 287 47.21 -6.00 31.18
CA ASP C 287 47.72 -6.62 29.96
C ASP C 287 46.78 -6.51 28.75
N ILE C 288 45.52 -6.11 28.99
CA ILE C 288 44.56 -6.01 27.89
C ILE C 288 44.11 -4.56 27.55
N ARG C 289 44.49 -3.60 28.38
CA ARG C 289 44.06 -2.20 28.21
C ARG C 289 44.39 -1.63 26.81
N LYS C 290 45.59 -1.91 26.30
CA LYS C 290 46.01 -1.42 24.99
C LYS C 290 45.12 -1.92 23.84
N ASP C 291 44.61 -3.15 23.95
CA ASP C 291 43.64 -3.66 22.98
C ASP C 291 42.32 -2.86 23.03
N LEU C 292 41.95 -2.41 24.23
CA LEU C 292 40.67 -1.71 24.43
C LEU C 292 40.76 -0.25 23.95
N TYR C 293 41.87 0.41 24.27
CA TYR C 293 42.17 1.76 23.81
C TYR C 293 42.16 1.88 22.29
N ALA C 294 42.63 0.83 21.62
CA ALA C 294 42.71 0.81 20.16
C ALA C 294 41.42 0.28 19.49
N ASN C 295 40.44 -0.11 20.29
CA ASN C 295 39.16 -0.67 19.77
C ASN C 295 37.91 -0.18 20.54
N THR C 296 37.77 1.14 20.69
CA THR C 296 36.58 1.74 21.33
C THR C 296 35.45 1.99 20.30
N VAL C 297 34.35 1.26 20.43
CA VAL C 297 33.25 1.28 19.43
C VAL C 297 31.99 2.02 19.96
N LEU C 298 31.43 2.92 19.17
CA LEU C 298 30.21 3.66 19.56
C LEU C 298 28.95 3.00 18.98
N SER C 299 27.88 2.91 19.78
CA SER C 299 26.59 2.35 19.33
C SER C 299 25.36 2.99 19.99
N GLY C 300 24.21 2.91 19.32
CA GLY C 300 22.96 3.44 19.86
C GLY C 300 22.55 4.76 19.20
N GLY C 301 21.26 5.08 19.22
CA GLY C 301 20.76 6.30 18.58
C GLY C 301 21.39 7.59 19.08
N THR C 302 21.69 7.65 20.38
CA THR C 302 22.26 8.86 20.99
C THR C 302 23.75 9.12 20.64
N THR C 303 24.40 8.16 19.95
CA THR C 303 25.76 8.39 19.45
C THR C 303 25.78 8.90 18.01
N MET C 304 24.62 9.28 17.47
CA MET C 304 24.53 9.71 16.08
C MET C 304 24.94 11.17 15.77
N TYR C 305 25.16 12.00 16.81
CA TYR C 305 25.49 13.43 16.62
C TYR C 305 26.75 13.64 15.77
N PRO C 306 26.68 14.54 14.77
CA PRO C 306 27.93 14.87 14.07
C PRO C 306 28.95 15.45 15.07
N GLY C 307 30.22 15.12 14.89
CA GLY C 307 31.27 15.61 15.78
C GLY C 307 31.59 14.74 16.98
N ILE C 308 30.74 13.75 17.28
CA ILE C 308 30.91 12.97 18.52
C ILE C 308 32.21 12.14 18.59
N ALA C 309 32.61 11.51 17.48
CA ALA C 309 33.84 10.66 17.47
C ALA C 309 35.14 11.44 17.68
N ASP C 310 35.25 12.62 17.06
CA ASP C 310 36.42 13.49 17.22
C ASP C 310 36.54 14.06 18.65
N ARG C 311 35.40 14.35 19.27
CA ARG C 311 35.41 14.83 20.66
C ARG C 311 35.85 13.71 21.63
N MET C 312 35.32 12.51 21.44
CA MET C 312 35.73 11.33 22.23
C MET C 312 37.25 11.07 22.09
N GLN C 313 37.73 11.09 20.84
CA GLN C 313 39.16 10.98 20.53
C GLN C 313 40.01 11.98 21.32
N LYS C 314 39.63 13.25 21.27
CA LYS C 314 40.31 14.32 21.98
C LYS C 314 40.32 14.13 23.51
N GLU C 315 39.16 13.78 24.08
CA GLU C 315 39.04 13.65 25.54
C GLU C 315 39.75 12.41 26.11
N ILE C 316 39.68 11.29 25.40
CA ILE C 316 40.36 10.07 25.86
C ILE C 316 41.89 10.26 25.83
N THR C 317 42.39 10.87 24.74
CA THR C 317 43.81 11.21 24.62
C THR C 317 44.34 12.00 25.82
N ALA C 318 43.55 12.96 26.32
CA ALA C 318 43.99 13.77 27.48
C ALA C 318 44.03 13.01 28.82
N LEU C 319 43.24 11.95 28.94
CA LEU C 319 43.19 11.11 30.16
C LEU C 319 44.22 9.97 30.15
N ALA C 320 44.52 9.45 28.95
CA ALA C 320 45.37 8.27 28.77
C ALA C 320 46.88 8.60 28.79
N PRO C 321 47.74 7.57 28.97
CA PRO C 321 49.19 7.82 28.89
C PRO C 321 49.62 8.38 27.52
N SER C 322 50.59 9.29 27.54
CA SER C 322 51.02 10.04 26.35
C SER C 322 51.51 9.18 25.17
N THR C 323 51.94 7.95 25.45
CA THR C 323 52.42 7.02 24.41
C THR C 323 51.32 6.09 23.88
N MET C 324 50.10 6.24 24.38
CA MET C 324 49.00 5.31 24.05
C MET C 324 48.36 5.57 22.69
N LYS C 325 48.10 4.49 21.95
CA LYS C 325 47.39 4.52 20.68
C LYS C 325 45.87 4.50 20.91
N ILE C 326 45.20 5.60 20.55
CA ILE C 326 43.75 5.75 20.74
C ILE C 326 42.99 5.66 19.41
N LYS C 327 41.99 4.79 19.34
CA LYS C 327 41.12 4.72 18.16
C LYS C 327 39.62 4.62 18.47
N ILE C 328 38.86 5.59 17.98
CA ILE C 328 37.40 5.62 18.14
C ILE C 328 36.71 5.18 16.84
N ILE C 329 35.90 4.14 16.92
CA ILE C 329 35.19 3.61 15.76
C ILE C 329 33.70 3.99 15.80
N ALA C 330 33.22 4.59 14.71
CA ALA C 330 31.83 5.05 14.64
C ALA C 330 31.15 4.60 13.34
N PRO C 331 30.62 3.35 13.32
CA PRO C 331 29.98 2.78 12.15
C PRO C 331 28.75 3.56 11.70
N PRO C 332 28.58 3.75 10.38
CA PRO C 332 27.45 4.54 9.88
C PRO C 332 26.08 3.98 10.28
N GLU C 333 25.98 2.65 10.44
CA GLU C 333 24.71 2.01 10.78
C GLU C 333 24.47 1.84 12.31
N ARG C 334 25.25 2.54 13.13
CA ARG C 334 25.25 2.31 14.58
C ARG C 334 23.91 2.53 15.31
N LYS C 335 22.93 3.12 14.62
CA LYS C 335 21.58 3.26 15.19
C LYS C 335 20.87 1.88 15.31
N TYR C 336 21.33 0.91 14.53
CA TYR C 336 20.75 -0.44 14.49
C TYR C 336 21.78 -1.57 14.63
N SER C 337 23.01 -1.25 15.04
CA SER C 337 24.08 -2.24 15.13
C SER C 337 23.86 -3.37 16.16
N VAL C 338 22.95 -3.17 17.11
CA VAL C 338 22.56 -4.25 18.02
C VAL C 338 21.77 -5.30 17.24
N TRP C 339 20.70 -4.86 16.57
CA TRP C 339 19.87 -5.73 15.76
C TRP C 339 20.67 -6.49 14.67
N ILE C 340 21.55 -5.77 13.97
CA ILE C 340 22.35 -6.36 12.88
C ILE C 340 23.32 -7.42 13.41
N GLY C 341 23.89 -7.18 14.59
CA GLY C 341 24.72 -8.17 15.28
C GLY C 341 23.98 -9.45 15.65
N GLY C 342 22.71 -9.33 16.03
CA GLY C 342 21.86 -10.50 16.29
C GLY C 342 21.58 -11.27 15.01
N SER C 343 21.30 -10.54 13.94
CA SER C 343 21.04 -11.12 12.60
C SER C 343 22.23 -11.92 12.08
N ILE C 344 23.43 -11.37 12.21
CA ILE C 344 24.66 -12.06 11.86
C ILE C 344 24.79 -13.37 12.66
N LEU C 345 24.59 -13.28 13.98
CA LEU C 345 24.76 -14.43 14.89
C LEU C 345 23.78 -15.57 14.61
N ALA C 346 22.48 -15.26 14.56
CA ALA C 346 21.45 -16.27 14.36
C ALA C 346 21.47 -16.90 12.95
N SER C 347 22.26 -16.31 12.05
CA SER C 347 22.40 -16.77 10.66
C SER C 347 23.55 -17.76 10.50
N LEU C 348 24.55 -17.68 11.37
CA LEU C 348 25.72 -18.53 11.26
C LEU C 348 25.36 -20.01 11.51
N SER C 349 25.70 -20.87 10.54
CA SER C 349 25.39 -22.29 10.64
C SER C 349 26.10 -22.94 11.83
N THR C 350 27.23 -22.37 12.23
CA THR C 350 27.95 -22.86 13.39
C THR C 350 27.41 -22.31 14.73
N PHE C 351 26.23 -21.67 14.68
CA PHE C 351 25.53 -21.22 15.89
C PHE C 351 24.34 -22.14 16.21
N GLN C 352 23.93 -22.94 15.23
CA GLN C 352 22.66 -23.68 15.28
C GLN C 352 22.57 -24.76 16.38
N GLN C 353 23.71 -25.20 16.89
CA GLN C 353 23.75 -26.20 17.97
C GLN C 353 23.90 -25.54 19.35
N MET C 354 23.61 -24.24 19.41
CA MET C 354 23.76 -23.49 20.65
C MET C 354 22.45 -22.94 21.19
N TRP C 355 21.38 -23.02 20.40
CA TRP C 355 20.04 -22.67 20.86
C TRP C 355 19.66 -23.51 22.08
N ILE C 356 18.78 -22.95 22.93
CA ILE C 356 18.07 -23.74 23.94
C ILE C 356 16.85 -24.34 23.26
N SER C 357 16.77 -25.68 23.24
CA SER C 357 15.60 -26.37 22.68
C SER C 357 14.50 -26.47 23.73
N LYS C 358 13.27 -26.67 23.27
CA LYS C 358 12.12 -26.84 24.16
C LYS C 358 12.19 -28.13 25.00
N GLN C 359 12.78 -29.20 24.44
CA GLN C 359 13.00 -30.44 25.20
C GLN C 359 13.98 -30.21 26.36
N GLU C 360 15.02 -29.41 26.11
CA GLU C 360 15.97 -29.03 27.17
C GLU C 360 15.26 -28.20 28.25
N TYR C 361 14.41 -27.25 27.82
CA TYR C 361 13.60 -26.48 28.75
C TYR C 361 12.72 -27.40 29.60
N ASP C 362 12.00 -28.30 28.94
CA ASP C 362 11.11 -29.29 29.61
C ASP C 362 11.83 -30.09 30.71
N GLU C 363 13.09 -30.46 30.46
CA GLU C 363 13.90 -31.19 31.45
C GLU C 363 14.37 -30.32 32.62
N SER C 364 14.97 -29.17 32.32
CA SER C 364 15.72 -28.37 33.30
C SER C 364 15.00 -27.15 33.89
N GLY C 365 14.03 -26.60 33.18
CA GLY C 365 13.36 -25.37 33.62
C GLY C 365 14.13 -24.09 33.36
N PRO C 366 13.55 -22.92 33.74
CA PRO C 366 14.05 -21.59 33.38
C PRO C 366 15.52 -21.33 33.67
N SER C 367 16.06 -21.94 34.73
CA SER C 367 17.45 -21.69 35.14
C SER C 367 18.51 -22.37 34.25
N ILE C 368 18.08 -23.09 33.21
CA ILE C 368 19.01 -23.59 32.19
C ILE C 368 19.72 -22.44 31.44
N VAL C 369 19.10 -21.24 31.45
CA VAL C 369 19.62 -20.07 30.75
C VAL C 369 21.03 -19.63 31.18
N HIS C 370 21.35 -19.76 32.47
CA HIS C 370 22.63 -19.28 32.99
C HIS C 370 23.84 -20.06 32.45
N ARG C 371 23.64 -21.34 32.12
CA ARG C 371 24.73 -22.17 31.61
C ARG C 371 24.76 -22.30 30.08
N LYS C 372 23.64 -21.97 29.43
CA LYS C 372 23.57 -22.00 27.97
C LYS C 372 23.88 -20.64 27.34
N CYS C 373 23.44 -19.57 28.00
CA CYS C 373 23.68 -18.20 27.51
C CYS C 373 24.54 -17.44 28.52
N PHE C 374 25.86 -17.57 28.34
CA PHE C 374 26.83 -17.16 29.36
C PHE C 374 27.70 -16.00 28.89
N UNK D 1 13.76 10.91 -0.82
CA UNK D 1 14.47 10.83 -2.15
C UNK D 1 15.11 12.15 -2.64
N UNK D 2 14.42 13.30 -2.76
CA UNK D 2 12.96 13.59 -2.74
C UNK D 2 12.95 15.12 -2.89
N UNK D 3 12.18 15.71 -3.83
CA UNK D 3 10.93 15.21 -4.42
C UNK D 3 10.95 14.08 -5.47
N UNK D 4 12.12 13.50 -5.72
CA UNK D 4 12.20 12.30 -6.57
C UNK D 4 11.28 11.17 -6.07
N UNK D 5 10.85 11.27 -4.81
CA UNK D 5 9.92 10.32 -4.20
C UNK D 5 8.48 10.51 -4.68
N UNK D 6 8.08 11.77 -4.85
CA UNK D 6 6.76 12.11 -5.39
C UNK D 6 6.54 11.47 -6.75
N UNK D 7 7.57 11.51 -7.60
CA UNK D 7 7.54 10.90 -8.93
C UNK D 7 7.31 9.38 -8.88
N UNK D 8 7.85 8.75 -7.83
CA UNK D 8 7.72 7.30 -7.65
C UNK D 8 6.32 6.90 -7.17
N UNK D 9 5.77 7.68 -6.24
CA UNK D 9 4.42 7.45 -5.72
C UNK D 9 3.33 7.65 -6.79
N UNK D 10 3.62 8.47 -7.79
CA UNK D 10 2.73 8.71 -8.93
C UNK D 10 2.53 7.45 -9.77
N UNK D 11 3.61 6.74 -10.04
CA UNK D 11 3.58 5.55 -10.89
C UNK D 11 2.93 4.34 -10.22
N UNK D 12 2.98 4.28 -8.88
CA UNK D 12 2.53 3.12 -8.12
C UNK D 12 1.15 3.28 -7.47
N UNK D 13 1.07 4.14 -6.47
CA UNK D 13 -0.14 4.42 -5.68
C UNK D 13 -1.24 5.08 -6.53
N UNK D 14 -2.44 5.38 -5.98
CA UNK D 14 -2.80 5.20 -4.57
C UNK D 14 -4.22 4.64 -4.44
N UNK D 15 -5.08 5.37 -3.72
CA UNK D 15 -6.49 5.05 -3.57
C UNK D 15 -7.33 6.28 -3.90
N UNK D 16 -8.56 6.33 -3.38
CA UNK D 16 -9.43 7.51 -3.45
C UNK D 16 -10.84 7.16 -2.95
N UNK D 17 -11.41 8.04 -2.14
CA UNK D 17 -12.76 7.84 -1.59
C UNK D 17 -13.83 8.04 -2.66
N UNK D 18 -14.85 7.18 -2.63
CA UNK D 18 -15.96 7.24 -3.59
C UNK D 18 -17.08 8.14 -3.08
N UNK D 19 -17.47 9.10 -3.91
CA UNK D 19 -18.55 10.03 -3.57
C UNK D 19 -19.63 10.04 -4.64
N UNK E 1 20.13 -20.78 -12.59
CA UNK E 1 19.44 -22.00 -13.14
C UNK E 1 17.97 -22.02 -12.72
N UNK E 2 17.09 -21.71 -13.68
CA UNK E 2 15.65 -21.59 -13.45
C UNK E 2 14.88 -22.04 -14.68
N UNK E 3 13.63 -22.53 -14.56
CA UNK E 3 12.94 -23.10 -13.36
C UNK E 3 13.45 -22.86 -11.92
N UNK E 4 14.42 -23.68 -11.50
CA UNK E 4 14.86 -23.78 -10.09
C UNK E 4 14.99 -22.49 -9.26
N UNK E 5 15.32 -21.37 -9.91
CA UNK E 5 15.52 -20.10 -9.19
C UNK E 5 14.23 -19.47 -8.68
N UNK E 6 13.12 -19.73 -9.38
CA UNK E 6 11.79 -19.29 -8.94
C UNK E 6 11.38 -19.97 -7.64
N UNK E 7 11.65 -21.28 -7.55
CA UNK E 7 11.37 -22.07 -6.36
C UNK E 7 12.16 -21.60 -5.13
N UNK E 8 13.36 -21.07 -5.37
CA UNK E 8 14.22 -20.57 -4.30
C UNK E 8 13.71 -19.26 -3.70
N UNK E 9 13.28 -18.35 -4.58
CA UNK E 9 12.76 -17.03 -4.15
C UNK E 9 11.44 -17.13 -3.36
N UNK E 10 10.65 -18.16 -3.66
CA UNK E 10 9.37 -18.39 -2.97
C UNK E 10 9.57 -18.82 -1.52
N UNK E 11 10.63 -19.58 -1.26
CA UNK E 11 10.95 -20.04 0.10
C UNK E 11 11.53 -18.93 0.99
N UNK E 12 12.09 -17.89 0.37
CA UNK E 12 12.80 -16.82 1.11
C UNK E 12 12.04 -15.49 1.14
N UNK E 13 11.92 -14.84 -0.01
CA UNK E 13 11.28 -13.52 -0.18
C UNK E 13 9.75 -13.57 0.11
N UNK E 14 9.01 -12.45 0.05
CA UNK E 14 9.45 -11.10 -0.32
C UNK E 14 8.80 -10.05 0.60
N UNK E 15 8.56 -8.86 0.06
CA UNK E 15 7.85 -7.79 0.77
C UNK E 15 6.63 -7.35 -0.03
N UNK E 16 5.55 -6.98 0.67
CA UNK E 16 4.29 -6.61 0.03
C UNK E 16 3.76 -5.25 0.49
N UNK E 17 3.23 -4.48 -0.45
CA UNK E 17 2.68 -3.15 -0.15
C UNK E 17 1.30 -3.23 0.50
N UNK E 18 1.11 -2.44 1.56
CA UNK E 18 -0.16 -2.42 2.31
C UNK E 18 -1.20 -1.54 1.65
N UNK E 19 -2.42 -2.06 1.54
CA UNK E 19 -3.53 -1.33 0.90
C UNK E 19 -4.68 -1.07 1.87
N UNK F 1 36.20 -25.16 16.60
CA UNK F 1 35.92 -26.36 17.44
C UNK F 1 35.93 -25.99 18.93
N UNK F 2 34.77 -25.67 19.49
CA UNK F 2 33.49 -25.57 18.78
C UNK F 2 32.89 -24.18 18.96
N UNK F 3 32.97 -23.66 20.18
CA UNK F 3 32.66 -22.26 20.46
C UNK F 3 33.71 -21.37 19.78
N UNK F 4 34.95 -21.86 19.72
CA UNK F 4 36.05 -21.17 19.04
C UNK F 4 35.83 -21.02 17.52
N UNK F 5 34.98 -21.90 16.95
CA UNK F 5 34.63 -21.82 15.53
C UNK F 5 33.70 -20.64 15.22
N UNK F 6 32.74 -20.39 16.11
CA UNK F 6 31.83 -19.25 15.99
C UNK F 6 32.58 -17.91 16.00
N UNK F 7 33.56 -17.81 16.88
CA UNK F 7 34.39 -16.60 17.01
C UNK F 7 35.18 -16.27 15.75
N UNK F 8 35.64 -17.31 15.05
CA UNK F 8 36.42 -17.16 13.82
C UNK F 8 35.57 -16.63 12.68
N UNK F 9 34.36 -17.18 12.52
CA UNK F 9 33.42 -16.76 11.48
C UNK F 9 32.92 -15.32 11.66
N UNK F 10 33.01 -14.82 12.90
CA UNK F 10 32.63 -13.45 13.23
C UNK F 10 33.59 -12.42 12.64
N UNK F 11 34.89 -12.72 12.71
CA UNK F 11 35.93 -11.83 12.21
C UNK F 11 36.00 -11.76 10.68
N UNK F 12 35.46 -12.79 10.01
CA UNK F 12 35.59 -12.93 8.55
C UNK F 12 34.29 -12.69 7.76
N UNK F 13 33.31 -13.56 7.96
CA UNK F 13 32.02 -13.53 7.25
C UNK F 13 31.18 -12.28 7.63
N UNK F 14 29.99 -12.05 7.04
CA UNK F 14 29.31 -12.92 6.06
C UNK F 14 28.64 -12.08 4.97
N UNK F 15 27.46 -12.53 4.52
CA UNK F 15 26.64 -11.78 3.57
C UNK F 15 25.33 -11.39 4.25
N UNK F 16 24.50 -10.60 3.57
CA UNK F 16 23.19 -10.19 4.09
C UNK F 16 22.24 -9.78 2.98
N UNK F 17 21.00 -10.25 3.06
CA UNK F 17 19.96 -9.88 2.10
C UNK F 17 19.51 -8.43 2.30
N UNK F 18 19.32 -7.70 1.21
CA UNK F 18 18.86 -6.32 1.27
C UNK F 18 17.33 -6.24 1.29
N UNK F 19 16.80 -5.45 2.21
CA UNK F 19 15.35 -5.28 2.37
C UNK F 19 14.97 -3.83 2.65
CA CA G . -9.72 22.47 -19.30
PG ATP H . -10.86 24.46 -22.04
O1G ATP H . -10.94 24.55 -23.54
O2G ATP H . -10.04 23.27 -21.59
O3G ATP H . -10.48 25.76 -21.37
PB ATP H . -13.04 23.33 -20.42
O1B ATP H . -12.02 22.98 -19.37
O2B ATP H . -14.30 24.02 -19.98
O3B ATP H . -12.40 24.26 -21.59
PA ATP H . -13.90 20.57 -20.65
O1A ATP H . -12.72 19.63 -20.70
O2A ATP H . -14.64 20.76 -19.36
O3A ATP H . -13.44 22.00 -21.26
O5' ATP H . -14.95 20.07 -21.78
C5' ATP H . -16.22 20.69 -22.06
C4' ATP H . -16.56 20.53 -23.56
O4' ATP H . -16.60 19.14 -23.93
C3' ATP H . -17.91 21.12 -23.98
O3' ATP H . -17.77 21.79 -25.25
C2' ATP H . -18.81 19.91 -24.17
O2' ATP H . -19.87 20.16 -25.13
C1' ATP H . -17.83 18.82 -24.60
N9 ATP H . -18.32 17.44 -24.27
C8 ATP H . -18.71 17.00 -23.05
N7 ATP H . -19.10 15.70 -23.07
C5 ATP H . -18.96 15.29 -24.36
C6 ATP H . -19.20 14.03 -25.09
N6 ATP H . -19.68 12.91 -24.47
N1 ATP H . -18.93 14.00 -26.42
C2 ATP H . -18.46 15.09 -27.07
N3 ATP H . -18.23 16.27 -26.47
C4 ATP H . -18.45 16.43 -25.14
CA CA I . -11.76 -20.85 -4.03
PG ATP J . -14.89 -22.53 -3.79
O1G ATP J . -15.67 -23.63 -3.14
O2G ATP J . -13.45 -22.47 -3.35
O3G ATP J . -15.12 -22.46 -5.28
PB ATP J . -15.02 -19.70 -2.97
O1B ATP J . -13.67 -19.48 -3.59
O2B ATP J . -16.12 -18.70 -3.23
O3B ATP J . -15.64 -21.15 -3.35
PA ATP J . -14.05 -18.88 -0.35
O1A ATP J . -12.71 -19.49 -0.03
O2A ATP J . -14.12 -17.46 -0.87
O3A ATP J . -14.86 -19.86 -1.35
O5' ATP J . -14.97 -18.97 0.99
C5' ATP J . -16.32 -18.49 1.07
C4' ATP J . -17.10 -19.34 2.10
O4' ATP J . -16.47 -19.26 3.38
C3' ATP J . -18.56 -18.89 2.31
O3' ATP J . -19.40 -20.06 2.41
C2' ATP J . -18.55 -18.16 3.64
O2' ATP J . -19.83 -18.21 4.33
C1' ATP J . -17.43 -18.89 4.39
N9 ATP J . -16.81 -18.07 5.47
C8 ATP J . -16.29 -16.81 5.35
N7 ATP J . -15.80 -16.36 6.53
C5 ATP J . -16.02 -17.35 7.44
C6 ATP J . -15.75 -17.52 8.89
N6 ATP J . -15.15 -16.54 9.61
N1 ATP J . -16.13 -18.69 9.47
C2 ATP J . -16.73 -19.68 8.75
N3 ATP J . -17.00 -19.58 7.45
C4 ATP J . -16.68 -18.46 6.74
CA CA K . 19.04 -0.36 23.28
PG ATP L . 18.02 2.08 25.61
O1G ATP L . 18.46 3.27 26.38
O2G ATP L . 19.16 1.42 24.85
O3G ATP L . 17.16 1.13 26.42
PB ATP L . 16.66 2.29 23.01
O1B ATP L . 17.19 0.92 22.68
O2B ATP L . 15.20 2.57 22.74
O3B ATP L . 16.92 2.67 24.57
PA ATP L . 17.93 3.54 20.68
O1A ATP L . 19.36 3.06 20.54
O2A ATP L . 16.85 2.92 19.84
O3A ATP L . 17.53 3.44 22.25
O5' ATP L . 17.93 5.14 20.45
C5' ATP L . 16.76 5.98 20.56
C4' ATP L . 17.18 7.40 20.98
O4' ATP L . 18.15 7.93 20.07
C3' ATP L . 16.03 8.40 21.04
O3' ATP L . 16.17 9.22 22.23
C2' ATP L . 16.24 9.28 19.82
O2' ATP L . 15.71 10.60 20.00
C1' ATP L . 17.77 9.25 19.63
N9 ATP L . 18.20 9.51 18.22
C8 ATP L . 17.79 8.85 17.12
N7 ATP L . 18.38 9.34 15.99
C5 ATP L . 19.20 10.34 16.39
C6 ATP L . 20.11 11.31 15.71
N6 ATP L . 20.29 11.29 14.37
N1 ATP L . 20.77 12.19 16.49
C2 ATP L . 20.62 12.23 17.84
N3 ATP L . 19.79 11.40 18.51
C4 ATP L . 19.06 10.46 17.85
#